data_2HZL
#
_entry.id   2HZL
#
_cell.length_a   118.021
_cell.length_b   78.057
_cell.length_c   95.139
_cell.angle_alpha   90.00
_cell.angle_beta   124.98
_cell.angle_gamma   90.00
#
_symmetry.space_group_name_H-M   'C 1 2 1'
#
loop_
_entity.id
_entity.type
_entity.pdbx_description
1 polymer 'TRAP-T family sorbitol/mannitol transporter, periplasmic binding protein, SmoM'
2 non-polymer 'SODIUM ION'
3 non-polymer 'PYRUVIC ACID'
4 water water
#
_entity_poly.entity_id   1
_entity_poly.type   'polypeptide(L)'
_entity_poly.pdbx_seq_one_letter_code
;MDRRSFITKAAVGGAAASALAAPALAQSAPKVTWRLASSFPKSLDTIFGGAEVLSKMLSEATDGNFQIQVFSAGELVPGL
QAADAVTEGTVECCHTVGYYYWGKDPTFALAAAVPFSLSARGINAWHYHGGGIDLYNEFLSQHNIVAFPGGNTGVQMGGW
FRREINTVADMQGLKMRVGGFAGKVMERLGVVPQQIAGGDIYPALEKGTIDATEWVGPYDDEKLGFFKVAPYYYYPGWWE
GGPTVHFMFNKSAYEGLTPTYQSLLRTACHAADANMLQLYDWKNPTAIKSLVAQGTQLRPFSPEILQACFEAANEVYAEM
EASNPAFKKIWDSIKAFRSEHYTWAQIAEYNYDTFMMVQQNAGKL
;
_entity_poly.pdbx_strand_id   A,B
#
loop_
_chem_comp.id
_chem_comp.type
_chem_comp.name
_chem_comp.formula
NA non-polymer 'SODIUM ION' 'Na 1'
PYR non-polymer 'PYRUVIC ACID' 'C3 H4 O3'
#
# COMPACT_ATOMS: atom_id res chain seq x y z
N VAL A 32 1.73 -9.18 -30.11
CA VAL A 32 1.77 -7.72 -29.84
C VAL A 32 3.22 -7.33 -29.60
N THR A 33 3.71 -6.38 -30.38
CA THR A 33 5.08 -5.92 -30.24
C THR A 33 5.08 -4.41 -30.06
N TRP A 34 5.27 -3.98 -28.82
CA TRP A 34 5.24 -2.56 -28.48
C TRP A 34 6.58 -2.06 -27.99
N ARG A 35 6.77 -0.75 -28.14
CA ARG A 35 7.88 -0.03 -27.53
C ARG A 35 7.37 0.90 -26.43
N LEU A 36 8.13 0.96 -25.34
CA LEU A 36 7.82 1.80 -24.19
C LEU A 36 8.96 2.79 -23.96
N ALA A 37 8.59 4.06 -23.95
CA ALA A 37 9.52 5.15 -23.63
C ALA A 37 9.42 5.48 -22.15
N SER A 38 10.51 5.32 -21.40
CA SER A 38 10.50 5.65 -19.98
C SER A 38 10.96 7.09 -19.76
N SER A 39 10.40 7.74 -18.75
CA SER A 39 10.92 9.03 -18.31
C SER A 39 12.13 8.92 -17.40
N PHE A 40 12.55 7.70 -17.08
CA PHE A 40 13.47 7.50 -15.97
C PHE A 40 14.80 6.89 -16.38
N PRO A 41 15.87 7.21 -15.62
CA PRO A 41 17.20 6.68 -15.95
C PRO A 41 17.33 5.21 -15.58
N LYS A 42 18.11 4.49 -16.37
CA LYS A 42 18.24 3.05 -16.27
C LYS A 42 18.85 2.56 -14.95
N SER A 43 19.56 3.45 -14.25
CA SER A 43 20.18 3.10 -12.98
C SER A 43 19.18 2.87 -11.85
N LEU A 44 17.94 3.34 -12.02
CA LEU A 44 16.97 3.25 -10.93
C LEU A 44 16.06 2.04 -11.09
N ASP A 45 16.41 0.94 -10.43
CA ASP A 45 15.64 -0.31 -10.53
C ASP A 45 14.25 -0.19 -9.89
N THR A 46 14.06 0.87 -9.11
CA THR A 46 12.74 1.22 -8.57
C THR A 46 11.84 1.83 -9.65
N ILE A 47 12.03 3.12 -9.94
CA ILE A 47 11.11 3.84 -10.80
C ILE A 47 11.26 3.52 -12.29
N PHE A 48 12.49 3.44 -12.80
CA PHE A 48 12.65 2.92 -14.16
C PHE A 48 12.27 1.44 -14.24
N GLY A 49 12.72 0.67 -13.25
CA GLY A 49 12.56 -0.77 -13.25
C GLY A 49 11.12 -1.24 -13.33
N GLY A 50 10.18 -0.40 -12.90
CA GLY A 50 8.77 -0.76 -12.96
C GLY A 50 8.30 -1.14 -14.36
N ALA A 51 8.87 -0.50 -15.37
CA ALA A 51 8.55 -0.82 -16.75
C ALA A 51 9.04 -2.21 -17.15
N GLU A 52 10.22 -2.58 -16.69
CA GLU A 52 10.74 -3.92 -16.91
C GLU A 52 9.87 -4.95 -16.20
N VAL A 53 9.39 -4.60 -15.01
CA VAL A 53 8.52 -5.52 -14.25
C VAL A 53 7.26 -5.79 -15.06
N LEU A 54 6.63 -4.73 -15.56
CA LEU A 54 5.43 -4.91 -16.39
C LEU A 54 5.73 -5.76 -17.61
N SER A 55 6.80 -5.44 -18.32
CA SER A 55 7.13 -6.15 -19.54
C SER A 55 7.30 -7.64 -19.26
N LYS A 56 7.98 -7.96 -18.16
CA LYS A 56 8.20 -9.37 -17.79
C LYS A 56 6.88 -10.05 -17.40
N MET A 57 6.03 -9.35 -16.66
CA MET A 57 4.72 -9.92 -16.30
C MET A 57 3.95 -10.29 -17.56
N LEU A 58 3.95 -9.40 -18.54
CA LEU A 58 3.15 -9.61 -19.75
C LEU A 58 3.73 -10.72 -20.62
N SER A 59 5.05 -10.72 -20.79
CA SER A 59 5.71 -11.73 -21.61
C SER A 59 5.50 -13.12 -21.00
N GLU A 60 5.72 -13.22 -19.69
CA GLU A 60 5.58 -14.51 -19.02
C GLU A 60 4.14 -15.03 -19.05
N ALA A 61 3.17 -14.14 -18.90
CA ALA A 61 1.76 -14.56 -18.89
C ALA A 61 1.22 -14.94 -20.27
N THR A 62 2.01 -14.68 -21.31
CA THR A 62 1.58 -14.90 -22.70
C THR A 62 2.58 -15.72 -23.50
N ASP A 63 3.54 -16.31 -22.79
CA ASP A 63 4.61 -17.09 -23.43
C ASP A 63 5.29 -16.28 -24.55
N GLY A 64 5.55 -15.01 -24.27
CA GLY A 64 6.25 -14.12 -25.20
C GLY A 64 5.40 -13.41 -26.26
N ASN A 65 4.10 -13.67 -26.27
CA ASN A 65 3.22 -13.13 -27.30
C ASN A 65 2.88 -11.64 -27.15
N PHE A 66 2.92 -11.15 -25.91
CA PHE A 66 2.69 -9.74 -25.62
C PHE A 66 4.05 -9.19 -25.19
N GLN A 67 4.72 -8.55 -26.14
CA GLN A 67 6.08 -8.07 -25.95
C GLN A 67 6.15 -6.56 -25.88
N ILE A 68 6.65 -6.05 -24.77
CA ILE A 68 6.95 -4.61 -24.63
C ILE A 68 8.45 -4.41 -24.47
N GLN A 69 9.06 -3.78 -25.47
CA GLN A 69 10.47 -3.40 -25.41
C GLN A 69 10.60 -2.10 -24.64
N VAL A 70 11.43 -2.13 -23.59
CA VAL A 70 11.56 -0.99 -22.66
C VAL A 70 12.81 -0.17 -22.95
N PHE A 71 12.63 1.14 -23.10
CA PHE A 71 13.72 2.06 -23.37
C PHE A 71 13.80 3.09 -22.27
N SER A 72 14.98 3.28 -21.71
CA SER A 72 15.20 4.27 -20.64
C SER A 72 15.17 5.72 -21.15
N ALA A 73 15.16 6.67 -20.22
CA ALA A 73 15.05 8.09 -20.57
C ALA A 73 16.09 8.53 -21.58
N GLY A 74 15.66 9.26 -22.59
CA GLY A 74 16.57 9.79 -23.61
C GLY A 74 16.88 8.85 -24.75
N GLU A 75 16.50 7.58 -24.63
CA GLU A 75 16.79 6.60 -25.68
C GLU A 75 15.93 6.85 -26.91
N LEU A 76 14.62 6.89 -26.72
CA LEU A 76 13.71 7.17 -27.85
C LEU A 76 13.34 8.63 -27.91
N VAL A 77 13.06 9.21 -26.75
CA VAL A 77 12.68 10.62 -26.64
C VAL A 77 13.16 11.14 -25.29
N PRO A 78 13.31 12.47 -25.14
CA PRO A 78 13.70 12.97 -23.82
C PRO A 78 12.71 12.54 -22.74
N GLY A 79 13.22 12.26 -21.54
CA GLY A 79 12.40 11.78 -20.43
C GLY A 79 11.17 12.62 -20.13
N LEU A 80 11.33 13.94 -20.12
CA LEU A 80 10.21 14.85 -19.84
C LEU A 80 9.18 14.94 -20.96
N GLN A 81 9.44 14.29 -22.09
CA GLN A 81 8.56 14.34 -23.26
C GLN A 81 7.97 12.98 -23.63
N ALA A 82 8.09 12.00 -22.72
CA ALA A 82 7.67 10.63 -23.03
C ALA A 82 6.20 10.52 -23.45
N ALA A 83 5.30 11.21 -22.75
CA ALA A 83 3.87 11.10 -23.07
C ALA A 83 3.53 11.75 -24.39
N ASP A 84 4.27 12.79 -24.74
CA ASP A 84 4.08 13.44 -26.04
C ASP A 84 4.29 12.45 -27.19
N ALA A 85 5.29 11.57 -27.04
CA ALA A 85 5.57 10.53 -28.03
C ALA A 85 4.41 9.53 -28.16
N VAL A 86 3.70 9.29 -27.06
CA VAL A 86 2.54 8.41 -27.05
C VAL A 86 1.33 9.07 -27.73
N THR A 87 1.07 10.33 -27.39
CA THR A 87 0.01 11.10 -28.03
C THR A 87 0.21 11.13 -29.55
N GLU A 88 1.47 11.29 -29.96
CA GLU A 88 1.83 11.41 -31.36
C GLU A 88 1.85 10.07 -32.10
N GLY A 89 1.74 8.97 -31.34
CA GLY A 89 1.74 7.63 -31.92
C GLY A 89 3.10 7.12 -32.35
N THR A 90 4.16 7.81 -31.92
CA THR A 90 5.52 7.39 -32.26
C THR A 90 5.96 6.16 -31.45
N VAL A 91 5.43 6.05 -30.23
CA VAL A 91 5.58 4.83 -29.44
C VAL A 91 4.21 4.43 -28.90
N GLU A 92 4.03 3.15 -28.59
CA GLU A 92 2.74 2.65 -28.14
C GLU A 92 2.47 2.97 -26.68
N CYS A 93 3.54 3.16 -25.89
CA CYS A 93 3.35 3.46 -24.48
C CYS A 93 4.55 4.14 -23.84
N CYS A 94 4.33 4.66 -22.63
CA CYS A 94 5.40 5.24 -21.83
C CYS A 94 5.15 4.93 -20.37
N HIS A 95 6.19 5.17 -19.57
CA HIS A 95 6.10 5.05 -18.12
C HIS A 95 6.65 6.38 -17.64
N THR A 96 5.81 7.14 -16.93
CA THR A 96 6.12 8.54 -16.69
C THR A 96 5.39 9.01 -15.45
N VAL A 97 5.60 10.27 -15.08
CA VAL A 97 4.78 10.93 -14.07
CA VAL A 97 4.73 10.91 -14.08
C VAL A 97 3.95 12.01 -14.76
N GLY A 98 2.63 11.95 -14.60
CA GLY A 98 1.73 12.85 -15.31
C GLY A 98 2.05 14.31 -15.08
N TYR A 99 2.59 14.64 -13.92
CA TYR A 99 2.86 16.04 -13.62
C TYR A 99 3.95 16.66 -14.49
N TYR A 100 4.74 15.84 -15.19
CA TYR A 100 5.72 16.42 -16.12
C TYR A 100 5.06 17.24 -17.21
N TYR A 101 3.77 17.00 -17.45
CA TYR A 101 3.02 17.63 -18.55
C TYR A 101 2.13 18.76 -18.07
N TRP A 102 2.44 19.28 -16.88
CA TRP A 102 1.64 20.33 -16.26
C TRP A 102 1.60 21.60 -17.14
N GLY A 103 2.66 21.81 -17.94
CA GLY A 103 2.73 22.98 -18.82
C GLY A 103 1.75 22.89 -19.98
N LYS A 104 1.41 21.66 -20.38
CA LYS A 104 0.35 21.41 -21.35
C LYS A 104 -1.02 21.67 -20.71
N ASP A 105 -1.20 21.13 -19.50
CA ASP A 105 -2.45 21.29 -18.74
C ASP A 105 -2.17 20.80 -17.34
N PRO A 106 -2.32 21.65 -16.31
CA PRO A 106 -2.08 21.17 -14.93
C PRO A 106 -2.92 19.96 -14.53
N THR A 107 -4.03 19.72 -15.23
CA THR A 107 -4.86 18.55 -14.98
C THR A 107 -4.05 17.25 -15.09
N PHE A 108 -3.07 17.22 -16.01
CA PHE A 108 -2.20 16.05 -16.13
C PHE A 108 -1.58 15.66 -14.78
N ALA A 109 -1.33 16.65 -13.93
CA ALA A 109 -0.64 16.40 -12.67
C ALA A 109 -1.50 15.70 -11.62
N LEU A 110 -2.81 15.87 -11.68
CA LEU A 110 -3.65 15.55 -10.52
C LEU A 110 -3.66 14.09 -10.12
N ALA A 111 -3.74 13.20 -11.10
CA ALA A 111 -3.75 11.76 -10.81
C ALA A 111 -2.35 11.21 -10.57
N ALA A 112 -1.32 12.01 -10.83
CA ALA A 112 0.05 11.67 -10.45
C ALA A 112 0.29 12.16 -9.02
N ALA A 113 0.50 13.47 -8.89
CA ALA A 113 0.50 14.16 -7.59
C ALA A 113 0.48 15.66 -7.83
N VAL A 114 -0.17 16.36 -6.90
CA VAL A 114 0.05 17.80 -6.70
C VAL A 114 0.37 17.94 -5.21
N PRO A 115 1.01 19.06 -4.81
CA PRO A 115 1.29 19.26 -3.38
C PRO A 115 0.10 19.07 -2.46
N PHE A 116 0.36 18.48 -1.30
CA PHE A 116 -0.64 18.33 -0.24
C PHE A 116 -1.84 17.51 -0.67
N SER A 117 -1.56 16.45 -1.43
CA SER A 117 -2.59 15.51 -1.86
C SER A 117 -2.50 14.23 -1.02
N LEU A 118 -3.04 13.13 -1.55
CA LEU A 118 -3.14 11.87 -0.79
C LEU A 118 -1.83 11.13 -0.64
N SER A 119 -1.77 10.29 0.40
CA SER A 119 -0.72 9.29 0.55
C SER A 119 -0.83 8.23 -0.54
N ALA A 120 0.14 7.33 -0.59
CA ALA A 120 0.11 6.23 -1.54
C ALA A 120 -1.14 5.37 -1.36
N ARG A 121 -1.40 4.94 -0.13
CA ARG A 121 -2.61 4.14 0.08
C ARG A 121 -3.88 4.93 -0.25
N GLY A 122 -3.85 6.22 0.07
CA GLY A 122 -5.01 7.08 -0.20
C GLY A 122 -5.29 7.26 -1.67
N ILE A 123 -4.25 7.59 -2.45
CA ILE A 123 -4.46 7.80 -3.87
C ILE A 123 -4.85 6.49 -4.57
N ASN A 124 -4.29 5.38 -4.11
CA ASN A 124 -4.64 4.10 -4.71
C ASN A 124 -6.09 3.69 -4.42
N ALA A 125 -6.57 3.99 -3.21
CA ALA A 125 -7.99 3.76 -2.89
C ALA A 125 -8.83 4.54 -3.90
N TRP A 126 -8.46 5.79 -4.13
CA TRP A 126 -9.16 6.63 -5.09
C TRP A 126 -9.06 6.14 -6.54
N HIS A 127 -7.86 5.75 -6.98
CA HIS A 127 -7.67 5.24 -8.34
C HIS A 127 -8.57 4.03 -8.60
N TYR A 128 -8.47 3.04 -7.72
CA TYR A 128 -9.03 1.73 -8.01
C TYR A 128 -10.46 1.54 -7.54
N HIS A 129 -10.89 2.33 -6.57
CA HIS A 129 -12.24 2.16 -6.03
C HIS A 129 -13.05 3.43 -5.91
N GLY A 130 -12.39 4.57 -6.12
CA GLY A 130 -13.06 5.85 -6.04
C GLY A 130 -13.35 6.49 -7.38
N GLY A 131 -13.19 5.74 -8.46
CA GLY A 131 -13.48 6.25 -9.80
C GLY A 131 -12.34 7.02 -10.43
N GLY A 132 -11.17 7.04 -9.78
CA GLY A 132 -10.05 7.84 -10.26
C GLY A 132 -9.50 7.43 -11.62
N ILE A 133 -9.34 6.13 -11.85
CA ILE A 133 -8.81 5.67 -13.14
C ILE A 133 -9.71 6.16 -14.29
N ASP A 134 -11.02 6.03 -14.11
CA ASP A 134 -11.94 6.47 -15.16
C ASP A 134 -11.91 7.98 -15.32
N LEU A 135 -11.85 8.74 -14.21
CA LEU A 135 -11.83 10.19 -14.32
C LEU A 135 -10.61 10.68 -15.08
N TYR A 136 -9.44 10.11 -14.77
CA TYR A 136 -8.21 10.52 -15.44
C TYR A 136 -8.28 10.13 -16.91
N ASN A 137 -8.81 8.95 -17.19
CA ASN A 137 -8.95 8.52 -18.59
C ASN A 137 -9.96 9.33 -19.39
N GLU A 138 -10.98 9.85 -18.72
CA GLU A 138 -11.92 10.75 -19.40
C GLU A 138 -11.20 12.01 -19.87
N PHE A 139 -10.28 12.50 -19.04
CA PHE A 139 -9.44 13.64 -19.41
C PHE A 139 -8.44 13.29 -20.51
N LEU A 140 -7.82 12.11 -20.40
CA LEU A 140 -6.73 11.76 -21.30
C LEU A 140 -7.17 11.34 -22.69
N SER A 141 -8.44 10.97 -22.84
CA SER A 141 -8.96 10.52 -24.12
C SER A 141 -8.64 11.47 -25.29
N GLN A 142 -8.86 12.76 -25.07
CA GLN A 142 -8.60 13.79 -26.09
C GLN A 142 -7.12 13.87 -26.46
N HIS A 143 -6.27 13.36 -25.58
CA HIS A 143 -4.83 13.35 -25.79
C HIS A 143 -4.33 12.00 -26.30
N ASN A 144 -5.26 11.17 -26.76
CA ASN A 144 -4.95 9.86 -27.36
C ASN A 144 -4.23 8.93 -26.40
N ILE A 145 -4.56 9.04 -25.12
CA ILE A 145 -3.92 8.22 -24.09
C ILE A 145 -4.97 7.50 -23.25
N VAL A 146 -4.69 6.23 -22.94
CA VAL A 146 -5.37 5.48 -21.87
C VAL A 146 -4.29 5.14 -20.85
N ALA A 147 -4.51 5.49 -19.59
CA ALA A 147 -3.48 5.32 -18.56
C ALA A 147 -3.93 4.45 -17.41
N PHE A 148 -2.97 3.74 -16.80
CA PHE A 148 -3.20 3.00 -15.56
C PHE A 148 -2.05 3.21 -14.61
N PRO A 149 -2.33 3.27 -13.30
CA PRO A 149 -1.22 3.43 -12.35
C PRO A 149 -0.12 2.40 -12.55
N GLY A 150 1.12 2.84 -12.38
CA GLY A 150 2.27 2.00 -12.67
C GLY A 150 3.40 2.17 -11.67
N GLY A 151 3.05 2.54 -10.44
CA GLY A 151 4.03 2.68 -9.37
C GLY A 151 3.63 3.80 -8.45
N ASN A 152 4.23 3.78 -7.26
CA ASN A 152 4.12 4.88 -6.31
C ASN A 152 5.42 4.93 -5.55
N THR A 153 5.81 6.13 -5.10
CA THR A 153 7.07 6.24 -4.37
C THR A 153 6.85 6.37 -2.86
N GLY A 154 5.59 6.49 -2.43
CA GLY A 154 5.29 6.88 -1.05
C GLY A 154 5.68 8.34 -0.84
N VAL A 155 5.57 8.82 0.40
CA VAL A 155 5.88 10.21 0.69
C VAL A 155 7.33 10.51 0.31
N GLN A 156 7.50 11.54 -0.50
CA GLN A 156 8.84 11.91 -0.94
C GLN A 156 9.60 12.69 0.11
N MET A 157 10.91 12.74 -0.08
CA MET A 157 11.74 13.55 0.79
C MET A 157 11.72 15.00 0.33
N GLY A 158 12.28 15.86 1.17
CA GLY A 158 12.20 17.31 0.98
C GLY A 158 13.32 17.96 0.19
N GLY A 159 14.13 17.16 -0.48
CA GLY A 159 15.18 17.71 -1.34
C GLY A 159 16.50 17.97 -0.66
N TRP A 160 17.45 18.38 -1.50
CA TRP A 160 18.87 18.49 -1.16
C TRP A 160 19.31 19.93 -1.32
N PHE A 161 19.92 20.46 -0.27
CA PHE A 161 20.31 21.88 -0.18
C PHE A 161 21.76 22.02 0.29
N ARG A 162 22.38 23.13 -0.11
CA ARG A 162 23.80 23.37 0.19
C ARG A 162 23.99 23.95 1.58
N ARG A 163 22.91 24.48 2.14
CA ARG A 163 22.90 25.02 3.50
C ARG A 163 21.50 24.89 4.09
N GLU A 164 21.41 25.00 5.42
CA GLU A 164 20.13 24.89 6.10
C GLU A 164 19.16 25.99 5.67
N ILE A 165 17.89 25.60 5.52
CA ILE A 165 16.81 26.55 5.28
C ILE A 165 15.82 26.47 6.44
N ASN A 166 15.65 27.58 7.13
CA ASN A 166 14.88 27.59 8.37
C ASN A 166 13.59 28.40 8.24
N THR A 167 13.56 29.31 7.28
CA THR A 167 12.41 30.18 7.06
C THR A 167 12.06 30.24 5.59
N VAL A 168 10.87 30.75 5.28
CA VAL A 168 10.44 31.01 3.90
C VAL A 168 11.41 31.97 3.20
N ALA A 169 11.90 32.97 3.93
CA ALA A 169 12.88 33.91 3.39
C ALA A 169 14.14 33.19 2.89
N ASP A 170 14.52 32.11 3.59
CA ASP A 170 15.70 31.32 3.22
C ASP A 170 15.62 30.70 1.82
N MET A 171 14.40 30.43 1.35
CA MET A 171 14.24 29.82 0.03
C MET A 171 14.07 30.84 -1.10
N GLN A 172 14.04 32.12 -0.74
CA GLN A 172 13.97 33.22 -1.71
C GLN A 172 15.11 33.17 -2.74
N GLY A 173 14.74 33.10 -4.02
CA GLY A 173 15.70 33.14 -5.12
C GLY A 173 16.45 31.85 -5.40
N LEU A 174 16.16 30.81 -4.63
CA LEU A 174 16.82 29.51 -4.83
C LEU A 174 16.43 28.92 -6.17
N LYS A 175 17.45 28.53 -6.94
CA LYS A 175 17.23 27.83 -8.19
C LYS A 175 17.12 26.35 -7.82
N MET A 176 15.92 25.79 -7.97
CA MET A 176 15.67 24.43 -7.51
C MET A 176 15.05 23.56 -8.60
N ARG A 177 15.60 22.37 -8.77
CA ARG A 177 14.95 21.37 -9.63
C ARG A 177 13.80 20.78 -8.82
N VAL A 178 12.60 20.87 -9.39
CA VAL A 178 11.41 20.33 -8.75
C VAL A 178 10.44 19.78 -9.82
N GLY A 179 9.85 18.64 -9.51
CA GLY A 179 8.94 18.00 -10.45
C GLY A 179 7.54 18.58 -10.45
N GLY A 180 6.99 18.77 -11.64
CA GLY A 180 5.56 18.97 -11.79
C GLY A 180 4.99 20.33 -11.44
N PHE A 181 3.73 20.30 -11.04
CA PHE A 181 2.97 21.50 -10.73
C PHE A 181 3.43 22.17 -9.43
N ALA A 182 4.25 21.48 -8.65
CA ALA A 182 4.88 22.07 -7.47
C ALA A 182 5.69 23.31 -7.82
N GLY A 183 6.20 23.38 -9.05
CA GLY A 183 6.94 24.57 -9.50
C GLY A 183 6.13 25.85 -9.34
N LYS A 184 4.86 25.81 -9.73
CA LYS A 184 3.99 26.98 -9.61
C LYS A 184 3.77 27.38 -8.16
N VAL A 185 3.66 26.39 -7.27
CA VAL A 185 3.52 26.65 -5.85
C VAL A 185 4.82 27.26 -5.30
N MET A 186 5.95 26.67 -5.69
CA MET A 186 7.28 27.17 -5.30
C MET A 186 7.53 28.62 -5.72
N GLU A 187 7.02 29.00 -6.88
CA GLU A 187 7.17 30.38 -7.38
C GLU A 187 6.57 31.41 -6.43
N ARG A 188 5.50 31.03 -5.74
CA ARG A 188 4.88 31.91 -4.74
C ARG A 188 5.76 32.16 -3.51
N LEU A 189 6.72 31.25 -3.27
CA LEU A 189 7.66 31.39 -2.17
C LEU A 189 9.01 31.99 -2.62
N GLY A 190 9.07 32.44 -3.86
CA GLY A 190 10.28 33.07 -4.41
C GLY A 190 11.29 32.11 -4.98
N VAL A 191 10.97 30.83 -5.00
CA VAL A 191 11.85 29.81 -5.60
C VAL A 191 11.79 29.95 -7.12
N VAL A 192 12.92 29.67 -7.78
CA VAL A 192 12.98 29.65 -9.23
C VAL A 192 13.06 28.18 -9.66
N PRO A 193 11.90 27.58 -9.99
CA PRO A 193 11.88 26.14 -10.27
C PRO A 193 12.20 25.78 -11.72
N GLN A 194 12.64 24.54 -11.92
CA GLN A 194 12.70 23.95 -13.25
C GLN A 194 12.63 22.44 -13.18
N GLN A 195 12.14 21.83 -14.27
CA GLN A 195 12.12 20.38 -14.39
C GLN A 195 13.33 19.92 -15.16
N ILE A 196 13.98 18.88 -14.64
CA ILE A 196 15.07 18.20 -15.32
C ILE A 196 14.81 16.72 -15.11
N ALA A 197 14.97 15.91 -16.15
CA ALA A 197 14.80 14.46 -16.03
C ALA A 197 15.84 13.87 -15.07
N GLY A 198 15.44 12.82 -14.36
CA GLY A 198 16.41 12.03 -13.59
C GLY A 198 17.52 11.52 -14.52
N GLY A 199 18.74 11.48 -14.00
CA GLY A 199 19.89 11.18 -14.83
C GLY A 199 20.65 12.44 -15.20
N ASP A 200 19.93 13.56 -15.34
CA ASP A 200 20.55 14.82 -15.77
C ASP A 200 20.55 15.89 -14.67
N ILE A 201 20.05 15.54 -13.49
CA ILE A 201 19.98 16.52 -12.40
C ILE A 201 21.35 16.76 -11.77
N TYR A 202 22.05 15.67 -11.46
CA TYR A 202 23.33 15.79 -10.76
C TYR A 202 24.32 16.75 -11.44
N PRO A 203 24.55 16.59 -12.77
CA PRO A 203 25.50 17.52 -13.40
C PRO A 203 25.11 18.99 -13.25
N ALA A 204 23.81 19.30 -13.29
CA ALA A 204 23.34 20.67 -13.11
C ALA A 204 23.60 21.17 -11.70
N LEU A 205 23.42 20.29 -10.72
CA LEU A 205 23.69 20.62 -9.32
C LEU A 205 25.19 20.82 -9.10
N GLU A 206 26.01 19.92 -9.63
CA GLU A 206 27.46 20.03 -9.50
C GLU A 206 27.98 21.33 -10.12
N LYS A 207 27.51 21.64 -11.33
CA LYS A 207 27.92 22.86 -12.04
C LYS A 207 27.43 24.13 -11.36
N GLY A 208 26.39 24.00 -10.54
CA GLY A 208 25.82 25.15 -9.84
C GLY A 208 24.76 25.89 -10.65
N THR A 209 24.29 25.31 -11.75
CA THR A 209 23.17 25.89 -12.49
C THR A 209 21.87 25.80 -11.67
N ILE A 210 21.80 24.82 -10.78
CA ILE A 210 20.77 24.79 -9.74
C ILE A 210 21.43 24.80 -8.36
N ASP A 211 20.75 25.41 -7.40
CA ASP A 211 21.23 25.51 -6.02
C ASP A 211 20.83 24.27 -5.21
N ALA A 212 19.70 23.67 -5.58
CA ALA A 212 19.05 22.62 -4.80
C ALA A 212 18.25 21.72 -5.72
N THR A 213 17.88 20.53 -5.24
CA THR A 213 17.03 19.64 -6.04
C THR A 213 16.22 18.72 -5.16
N GLU A 214 15.04 18.35 -5.64
CA GLU A 214 14.35 17.20 -5.08
C GLU A 214 14.22 16.15 -6.18
N TRP A 215 14.23 14.88 -5.79
CA TRP A 215 13.95 13.80 -6.72
C TRP A 215 12.87 12.90 -6.10
N VAL A 216 13.25 11.95 -5.24
CA VAL A 216 12.24 11.01 -4.70
C VAL A 216 12.45 10.66 -3.23
N GLY A 217 13.59 10.07 -2.89
CA GLY A 217 13.73 9.50 -1.58
C GLY A 217 15.10 8.88 -1.44
N PRO A 218 15.37 8.27 -0.28
CA PRO A 218 16.76 7.87 0.03
C PRO A 218 17.40 6.91 -0.96
N TYR A 219 16.70 5.86 -1.37
CA TYR A 219 17.32 4.89 -2.26
C TYR A 219 17.71 5.52 -3.59
N ASP A 220 16.76 6.17 -4.26
CA ASP A 220 17.05 6.77 -5.57
C ASP A 220 18.04 7.92 -5.42
N ASP A 221 17.83 8.76 -4.41
CA ASP A 221 18.62 9.98 -4.31
C ASP A 221 20.07 9.67 -4.00
N GLU A 222 20.30 8.61 -3.23
CA GLU A 222 21.66 8.15 -2.97
C GLU A 222 22.34 7.71 -4.25
N LYS A 223 21.62 6.95 -5.08
CA LYS A 223 22.18 6.49 -6.35
C LYS A 223 22.55 7.67 -7.25
N LEU A 224 21.72 8.71 -7.22
CA LEU A 224 21.94 9.86 -8.11
C LEU A 224 23.04 10.78 -7.59
N GLY A 225 23.31 10.70 -6.28
CA GLY A 225 24.54 11.24 -5.71
C GLY A 225 24.52 12.68 -5.21
N PHE A 226 23.34 13.26 -5.04
CA PHE A 226 23.21 14.67 -4.67
C PHE A 226 23.93 15.06 -3.37
N PHE A 227 23.99 14.12 -2.41
CA PHE A 227 24.60 14.38 -1.11
C PHE A 227 26.03 14.89 -1.21
N LYS A 228 26.71 14.52 -2.30
CA LYS A 228 28.11 14.93 -2.50
C LYS A 228 28.26 16.44 -2.64
N VAL A 229 27.22 17.09 -3.16
CA VAL A 229 27.22 18.53 -3.45
C VAL A 229 26.38 19.32 -2.45
N ALA A 230 25.24 18.75 -2.07
CA ALA A 230 24.23 19.46 -1.29
C ALA A 230 23.76 18.52 -0.18
N PRO A 231 24.45 18.53 0.97
CA PRO A 231 24.26 17.49 1.98
C PRO A 231 23.07 17.63 2.94
N TYR A 232 22.35 18.74 2.89
CA TYR A 232 21.19 18.94 3.77
C TYR A 232 19.94 18.40 3.10
N TYR A 233 19.35 17.38 3.75
CA TYR A 233 18.25 16.60 3.18
C TYR A 233 17.04 16.84 4.02
N TYR A 234 16.08 17.56 3.46
CA TYR A 234 14.89 17.96 4.20
C TYR A 234 13.77 16.94 4.10
N TYR A 235 12.77 17.10 4.95
CA TYR A 235 11.58 16.26 4.91
C TYR A 235 10.44 16.96 5.64
N PRO A 236 9.19 16.64 5.27
CA PRO A 236 8.80 15.80 4.15
C PRO A 236 8.75 16.57 2.83
N GLY A 237 8.77 15.85 1.72
CA GLY A 237 8.50 16.44 0.42
C GLY A 237 7.01 16.64 0.26
N TRP A 238 6.53 17.76 0.79
CA TRP A 238 5.09 18.08 0.81
C TRP A 238 4.51 18.20 -0.59
N TRP A 239 5.37 18.32 -1.59
CA TRP A 239 4.94 18.36 -2.98
C TRP A 239 4.38 17.04 -3.50
N GLU A 240 4.84 15.93 -2.92
CA GLU A 240 4.47 14.59 -3.42
C GLU A 240 4.32 13.61 -2.26
N GLY A 241 3.13 13.63 -1.67
CA GLY A 241 2.82 12.74 -0.56
C GLY A 241 2.64 11.30 -0.98
N GLY A 242 2.30 11.08 -2.24
CA GLY A 242 2.10 9.72 -2.73
C GLY A 242 1.89 9.69 -4.22
N PRO A 243 2.94 10.03 -4.99
CA PRO A 243 2.79 10.21 -6.43
C PRO A 243 2.71 8.90 -7.19
N THR A 244 1.72 8.81 -8.07
CA THR A 244 1.59 7.68 -8.96
C THR A 244 2.43 7.88 -10.21
N VAL A 245 3.08 6.80 -10.63
CA VAL A 245 3.89 6.76 -11.84
C VAL A 245 3.10 5.97 -12.89
N HIS A 246 2.47 6.68 -13.83
CA HIS A 246 1.57 6.01 -14.76
C HIS A 246 2.24 5.30 -15.91
N PHE A 247 1.65 4.16 -16.30
CA PHE A 247 1.80 3.65 -17.66
C PHE A 247 0.76 4.36 -18.50
N MET A 248 1.20 4.97 -19.60
CA MET A 248 0.29 5.63 -20.53
C MET A 248 0.38 4.93 -21.87
N PHE A 249 -0.78 4.51 -22.38
CA PHE A 249 -0.84 3.73 -23.60
C PHE A 249 -1.52 4.53 -24.68
N ASN A 250 -0.99 4.44 -25.90
CA ASN A 250 -1.66 5.08 -27.02
C ASN A 250 -3.07 4.50 -27.15
N LYS A 251 -4.06 5.38 -27.27
CA LYS A 251 -5.45 4.95 -27.26
C LYS A 251 -5.77 3.94 -28.37
N SER A 252 -5.30 4.22 -29.59
CA SER A 252 -5.51 3.30 -30.71
CA SER A 252 -5.51 3.30 -30.71
C SER A 252 -4.84 1.95 -30.46
N ALA A 253 -3.62 1.98 -29.94
CA ALA A 253 -2.91 0.73 -29.65
C ALA A 253 -3.64 -0.09 -28.58
N TYR A 254 -4.09 0.59 -27.51
CA TYR A 254 -4.84 -0.07 -26.45
C TYR A 254 -6.17 -0.64 -26.93
N GLU A 255 -6.92 0.15 -27.69
CA GLU A 255 -8.23 -0.29 -28.19
C GLU A 255 -8.11 -1.39 -29.24
N GLY A 256 -6.93 -1.52 -29.83
CA GLY A 256 -6.63 -2.59 -30.79
C GLY A 256 -6.38 -3.95 -30.15
N LEU A 257 -6.09 -3.97 -28.85
CA LEU A 257 -5.90 -5.24 -28.15
C LEU A 257 -7.22 -5.99 -28.01
N THR A 258 -7.15 -7.31 -27.93
CA THR A 258 -8.32 -8.10 -27.59
C THR A 258 -8.77 -7.72 -26.17
N PRO A 259 -10.07 -7.86 -25.86
CA PRO A 259 -10.49 -7.64 -24.46
C PRO A 259 -9.69 -8.47 -23.45
N THR A 260 -9.25 -9.67 -23.85
CA THR A 260 -8.42 -10.52 -23.00
C THR A 260 -7.09 -9.85 -22.65
N TYR A 261 -6.40 -9.33 -23.67
CA TYR A 261 -5.13 -8.64 -23.44
C TYR A 261 -5.32 -7.29 -22.75
N GLN A 262 -6.44 -6.62 -22.98
CA GLN A 262 -6.72 -5.38 -22.24
C GLN A 262 -6.85 -5.67 -20.74
N SER A 263 -7.58 -6.74 -20.40
CA SER A 263 -7.75 -7.10 -18.99
C SER A 263 -6.41 -7.53 -18.39
N LEU A 264 -5.66 -8.36 -19.10
CA LEU A 264 -4.34 -8.76 -18.63
C LEU A 264 -3.46 -7.55 -18.38
N LEU A 265 -3.47 -6.60 -19.32
CA LEU A 265 -2.67 -5.39 -19.18
C LEU A 265 -3.04 -4.64 -17.89
N ARG A 266 -4.34 -4.47 -17.63
CA ARG A 266 -4.76 -3.78 -16.41
C ARG A 266 -4.33 -4.52 -15.15
N THR A 267 -4.47 -5.84 -15.15
CA THR A 267 -4.05 -6.66 -14.02
C THR A 267 -2.55 -6.53 -13.78
N ALA A 268 -1.77 -6.61 -14.84
CA ALA A 268 -0.32 -6.48 -14.71
C ALA A 268 0.10 -5.07 -14.25
N CYS A 269 -0.55 -4.03 -14.76
CA CYS A 269 -0.24 -2.69 -14.26
C CYS A 269 -0.54 -2.58 -12.77
N HIS A 270 -1.64 -3.20 -12.32
CA HIS A 270 -2.06 -3.12 -10.93
C HIS A 270 -0.99 -3.77 -10.04
N ALA A 271 -0.47 -4.91 -10.48
CA ALA A 271 0.57 -5.63 -9.75
C ALA A 271 1.90 -4.87 -9.79
N ALA A 272 2.26 -4.33 -10.95
CA ALA A 272 3.51 -3.57 -11.07
C ALA A 272 3.46 -2.30 -10.23
N ASP A 273 2.29 -1.67 -10.17
CA ASP A 273 2.07 -0.48 -9.33
C ASP A 273 2.40 -0.79 -7.87
N ALA A 274 1.83 -1.88 -7.35
CA ALA A 274 2.12 -2.32 -6.00
C ALA A 274 3.60 -2.65 -5.85
N ASN A 275 4.14 -3.38 -6.82
CA ASN A 275 5.51 -3.85 -6.72
C ASN A 275 6.51 -2.71 -6.52
N MET A 276 6.32 -1.60 -7.24
CA MET A 276 7.28 -0.50 -7.13
C MET A 276 7.27 0.11 -5.73
N LEU A 277 6.07 0.32 -5.20
CA LEU A 277 5.94 0.88 -3.87
C LEU A 277 6.61 -0.03 -2.86
N GLN A 278 6.39 -1.34 -3.02
CA GLN A 278 6.96 -2.34 -2.12
C GLN A 278 8.49 -2.37 -2.20
N LEU A 279 9.03 -2.15 -3.39
CA LEU A 279 10.49 -2.10 -3.54
C LEU A 279 11.07 -0.87 -2.86
N TYR A 280 10.44 0.29 -3.04
CA TYR A 280 10.84 1.49 -2.28
C TYR A 280 10.78 1.25 -0.78
N ASP A 281 9.68 0.65 -0.31
CA ASP A 281 9.52 0.40 1.11
C ASP A 281 10.59 -0.54 1.66
N TRP A 282 11.05 -1.49 0.85
CA TRP A 282 12.13 -2.38 1.28
C TRP A 282 13.51 -1.68 1.27
N LYS A 283 13.76 -0.90 0.23
CA LYS A 283 15.11 -0.32 0.03
C LYS A 283 15.36 0.98 0.77
N ASN A 284 14.34 1.81 0.94
CA ASN A 284 14.54 3.12 1.57
C ASN A 284 15.11 3.07 3.00
N PRO A 285 14.63 2.14 3.87
CA PRO A 285 15.18 2.11 5.24
C PRO A 285 16.68 1.87 5.31
N THR A 286 17.20 1.05 4.40
CA THR A 286 18.64 0.79 4.29
C THR A 286 19.35 2.02 3.73
N ALA A 287 18.79 2.63 2.70
CA ALA A 287 19.43 3.76 2.06
C ALA A 287 19.49 5.01 2.94
N ILE A 288 18.47 5.26 3.75
CA ILE A 288 18.54 6.45 4.61
C ILE A 288 19.68 6.30 5.63
N LYS A 289 19.88 5.10 6.15
CA LYS A 289 20.98 4.86 7.08
C LYS A 289 22.33 5.04 6.40
N SER A 290 22.43 4.57 5.16
CA SER A 290 23.65 4.74 4.38
C SER A 290 23.96 6.21 4.10
N LEU A 291 22.92 6.96 3.76
CA LEU A 291 23.11 8.40 3.50
C LEU A 291 23.59 9.13 4.74
N VAL A 292 22.97 8.85 5.88
CA VAL A 292 23.40 9.48 7.13
C VAL A 292 24.84 9.09 7.45
N ALA A 293 25.21 7.83 7.21
CA ALA A 293 26.59 7.37 7.44
C ALA A 293 27.57 8.08 6.52
N GLN A 294 27.11 8.46 5.33
CA GLN A 294 27.95 9.12 4.34
C GLN A 294 28.00 10.65 4.54
N GLY A 295 27.35 11.15 5.59
CA GLY A 295 27.42 12.58 5.94
C GLY A 295 26.18 13.43 5.65
N THR A 296 25.11 12.79 5.20
CA THR A 296 23.86 13.51 4.94
C THR A 296 23.27 14.06 6.23
N GLN A 297 22.80 15.30 6.15
CA GLN A 297 22.25 16.01 7.29
C GLN A 297 20.74 16.11 7.15
N LEU A 298 20.03 15.23 7.87
CA LEU A 298 18.56 15.19 7.84
C LEU A 298 17.98 16.35 8.64
N ARG A 299 17.07 17.11 8.04
CA ARG A 299 16.46 18.26 8.68
C ARG A 299 14.97 18.34 8.38
N PRO A 300 14.12 18.51 9.41
CA PRO A 300 12.70 18.70 9.11
C PRO A 300 12.43 20.12 8.64
N PHE A 301 11.53 20.28 7.68
CA PHE A 301 11.01 21.62 7.35
C PHE A 301 10.28 22.14 8.57
N SER A 302 10.49 23.42 8.88
CA SER A 302 9.82 24.04 10.02
C SER A 302 8.31 24.07 9.81
N PRO A 303 7.53 24.07 10.92
CA PRO A 303 6.08 24.19 10.83
C PRO A 303 5.65 25.43 10.03
N GLU A 304 6.46 26.49 10.10
CA GLU A 304 6.19 27.75 9.41
C GLU A 304 6.36 27.64 7.90
N ILE A 305 7.41 26.93 7.48
CA ILE A 305 7.62 26.66 6.06
C ILE A 305 6.46 25.81 5.53
N LEU A 306 6.08 24.77 6.26
CA LEU A 306 5.00 23.87 5.81
C LEU A 306 3.67 24.60 5.66
N GLN A 307 3.35 25.46 6.63
CA GLN A 307 2.12 26.25 6.59
C GLN A 307 2.12 27.24 5.43
N ALA A 308 3.25 27.91 5.20
CA ALA A 308 3.36 28.85 4.07
C ALA A 308 3.22 28.14 2.72
N CYS A 309 3.84 26.97 2.60
CA CYS A 309 3.72 26.19 1.36
C CYS A 309 2.29 25.73 1.14
N PHE A 310 1.62 25.32 2.22
CA PHE A 310 0.23 24.89 2.15
C PHE A 310 -0.68 26.05 1.70
N GLU A 311 -0.48 27.22 2.29
CA GLU A 311 -1.30 28.36 1.93
C GLU A 311 -1.08 28.79 0.47
N ALA A 312 0.16 28.70 -0.01
CA ALA A 312 0.47 29.01 -1.39
C ALA A 312 -0.21 28.01 -2.35
N ALA A 313 -0.17 26.73 -1.99
CA ALA A 313 -0.81 25.69 -2.80
C ALA A 313 -2.33 25.91 -2.86
N ASN A 314 -2.92 26.25 -1.71
CA ASN A 314 -4.35 26.51 -1.63
CA ASN A 314 -4.35 26.51 -1.63
C ASN A 314 -4.78 27.63 -2.58
N GLU A 315 -3.99 28.69 -2.62
CA GLU A 315 -4.21 29.83 -3.49
C GLU A 315 -4.14 29.41 -4.95
N VAL A 316 -3.09 28.67 -5.29
CA VAL A 316 -2.89 28.19 -6.66
C VAL A 316 -4.06 27.32 -7.11
N TYR A 317 -4.52 26.41 -6.24
CA TYR A 317 -5.59 25.50 -6.63
C TYR A 317 -6.93 26.21 -6.77
N ALA A 318 -7.21 27.16 -5.88
CA ALA A 318 -8.46 27.93 -5.99
C ALA A 318 -8.51 28.67 -7.32
N GLU A 319 -7.39 29.28 -7.70
CA GLU A 319 -7.32 29.97 -8.97
C GLU A 319 -7.48 29.02 -10.15
N MET A 320 -6.80 27.88 -10.07
CA MET A 320 -6.88 26.87 -11.13
C MET A 320 -8.27 26.27 -11.31
N GLU A 321 -8.99 26.07 -10.20
CA GLU A 321 -10.34 25.52 -10.30
C GLU A 321 -11.27 26.46 -11.05
N ALA A 322 -11.07 27.76 -10.85
CA ALA A 322 -11.89 28.77 -11.53
C ALA A 322 -11.59 28.90 -13.02
N SER A 323 -10.34 28.66 -13.41
CA SER A 323 -9.95 28.85 -14.81
C SER A 323 -9.94 27.56 -15.63
N ASN A 324 -9.94 26.40 -14.97
CA ASN A 324 -9.70 25.14 -15.65
C ASN A 324 -10.71 24.08 -15.19
N PRO A 325 -11.84 23.96 -15.90
CA PRO A 325 -12.89 22.99 -15.51
C PRO A 325 -12.41 21.55 -15.40
N ALA A 326 -11.49 21.14 -16.27
CA ALA A 326 -10.98 19.75 -16.20
C ALA A 326 -10.22 19.53 -14.90
N PHE A 327 -9.42 20.52 -14.50
CA PHE A 327 -8.68 20.46 -13.26
C PHE A 327 -9.65 20.40 -12.08
N LYS A 328 -10.65 21.28 -12.08
CA LYS A 328 -11.65 21.28 -11.02
C LYS A 328 -12.32 19.90 -10.86
N LYS A 329 -12.66 19.28 -11.98
CA LYS A 329 -13.37 18.01 -11.93
C LYS A 329 -12.56 16.94 -11.17
N ILE A 330 -11.28 16.83 -11.49
CA ILE A 330 -10.47 15.80 -10.84
C ILE A 330 -10.05 16.19 -9.42
N TRP A 331 -9.65 17.44 -9.23
CA TRP A 331 -9.22 17.88 -7.91
C TRP A 331 -10.37 17.84 -6.91
N ASP A 332 -11.58 18.18 -7.34
CA ASP A 332 -12.70 18.11 -6.41
C ASP A 332 -12.97 16.67 -5.95
N SER A 333 -12.75 15.71 -6.84
CA SER A 333 -12.91 14.29 -6.50
C SER A 333 -11.85 13.84 -5.49
N ILE A 334 -10.59 14.19 -5.76
CA ILE A 334 -9.49 13.86 -4.84
C ILE A 334 -9.69 14.52 -3.47
N LYS A 335 -10.03 15.82 -3.48
CA LYS A 335 -10.26 16.57 -2.25
C LYS A 335 -11.33 15.94 -1.36
N ALA A 336 -12.43 15.49 -1.98
CA ALA A 336 -13.54 14.92 -1.24
C ALA A 336 -13.00 13.73 -0.44
N PHE A 337 -12.21 12.89 -1.08
CA PHE A 337 -11.69 11.72 -0.40
C PHE A 337 -10.55 12.06 0.56
N ARG A 338 -9.75 13.07 0.21
CA ARG A 338 -8.65 13.48 1.08
C ARG A 338 -9.11 13.77 2.51
N SER A 339 -10.25 14.46 2.64
CA SER A 339 -10.83 14.76 3.95
C SER A 339 -11.24 13.51 4.72
N GLU A 340 -11.83 12.55 4.01
CA GLU A 340 -12.30 11.31 4.62
C GLU A 340 -11.11 10.43 5.02
N HIS A 341 -10.14 10.35 4.12
CA HIS A 341 -8.94 9.56 4.36
C HIS A 341 -8.19 10.04 5.60
N TYR A 342 -7.93 11.34 5.67
CA TYR A 342 -7.16 11.88 6.79
C TYR A 342 -7.95 12.04 8.09
N THR A 343 -9.23 11.67 8.07
CA THR A 343 -10.02 11.47 9.28
C THR A 343 -9.81 10.03 9.77
N TRP A 344 -10.05 9.07 8.89
CA TRP A 344 -9.89 7.66 9.25
C TRP A 344 -8.45 7.28 9.63
N ALA A 345 -7.47 7.85 8.92
CA ALA A 345 -6.07 7.52 9.16
C ALA A 345 -5.63 7.89 10.58
N GLN A 346 -6.37 8.79 11.24
CA GLN A 346 -6.03 9.22 12.61
C GLN A 346 -6.39 8.20 13.67
N ILE A 347 -7.16 7.20 13.29
CA ILE A 347 -7.74 6.27 14.26
CA ILE A 347 -7.72 6.29 14.27
C ILE A 347 -6.81 5.07 14.45
N ALA A 348 -7.10 3.94 13.82
CA ALA A 348 -6.26 2.75 14.01
C ALA A 348 -4.83 2.94 13.52
N GLU A 349 -4.67 3.45 12.31
CA GLU A 349 -3.35 3.51 11.70
C GLU A 349 -2.38 4.39 12.49
N TYR A 350 -2.78 5.63 12.76
CA TYR A 350 -1.89 6.55 13.44
C TYR A 350 -1.52 6.00 14.80
N ASN A 351 -2.50 5.51 15.52
CA ASN A 351 -2.22 5.06 16.86
C ASN A 351 -1.31 3.84 16.92
N TYR A 352 -1.48 2.91 15.99
CA TYR A 352 -0.61 1.74 15.92
C TYR A 352 0.79 2.10 15.49
N ASP A 353 0.90 2.80 14.35
CA ASP A 353 2.23 3.06 13.79
C ASP A 353 3.05 3.95 14.73
N THR A 354 2.40 4.92 15.37
CA THR A 354 3.11 5.78 16.33
C THR A 354 3.54 5.01 17.59
N PHE A 355 2.71 4.09 18.08
CA PHE A 355 3.13 3.20 19.17
C PHE A 355 4.40 2.44 18.79
N MET A 356 4.42 1.87 17.59
CA MET A 356 5.57 1.09 17.15
C MET A 356 6.82 1.96 16.99
N MET A 357 6.65 3.19 16.50
CA MET A 357 7.76 4.14 16.39
C MET A 357 8.32 4.48 17.78
N VAL A 358 7.43 4.73 18.73
CA VAL A 358 7.85 4.98 20.11
C VAL A 358 8.62 3.76 20.67
N GLN A 359 8.13 2.56 20.41
CA GLN A 359 8.81 1.34 20.86
C GLN A 359 10.19 1.23 20.23
N GLN A 360 10.27 1.52 18.94
CA GLN A 360 11.54 1.51 18.24
C GLN A 360 12.53 2.45 18.91
N ASN A 361 12.10 3.67 19.18
CA ASN A 361 12.98 4.68 19.75
C ASN A 361 13.42 4.35 21.16
N ALA A 362 12.58 3.59 21.87
CA ALA A 362 12.87 3.19 23.24
C ALA A 362 13.78 1.95 23.31
N GLY A 363 14.11 1.39 22.14
CA GLY A 363 14.92 0.18 22.06
C GLY A 363 14.17 -1.11 22.34
N LYS A 364 12.83 -1.04 22.29
CA LYS A 364 11.97 -2.16 22.66
C LYS A 364 11.68 -3.16 21.53
N LEU A 365 11.99 -2.79 20.30
CA LEU A 365 11.80 -3.69 19.16
C LEU A 365 13.03 -4.56 18.91
N ALA B 29 -13.66 -27.67 -22.81
CA ALA B 29 -13.46 -27.44 -21.35
C ALA B 29 -12.35 -26.42 -21.12
N PRO B 30 -12.41 -25.69 -19.99
CA PRO B 30 -11.29 -24.79 -19.70
C PRO B 30 -10.03 -25.62 -19.48
N LYS B 31 -8.88 -25.03 -19.82
CA LYS B 31 -7.60 -25.67 -19.53
C LYS B 31 -7.47 -26.05 -18.07
N VAL B 32 -7.95 -25.19 -17.17
N VAL B 32 -7.95 -25.17 -17.19
CA VAL B 32 -7.87 -25.48 -15.75
CA VAL B 32 -7.85 -25.35 -15.73
C VAL B 32 -9.11 -24.97 -15.02
C VAL B 32 -9.17 -24.97 -15.06
N THR B 33 -9.71 -25.87 -14.23
CA THR B 33 -10.81 -25.54 -13.35
C THR B 33 -10.44 -25.96 -11.93
N TRP B 34 -10.34 -24.96 -11.05
CA TRP B 34 -10.03 -25.18 -9.65
C TRP B 34 -11.18 -24.73 -8.77
N ARG B 35 -11.29 -25.34 -7.59
CA ARG B 35 -12.20 -24.86 -6.56
C ARG B 35 -11.42 -24.21 -5.45
N LEU B 36 -11.94 -23.08 -4.98
CA LEU B 36 -11.33 -22.29 -3.93
C LEU B 36 -12.28 -22.25 -2.75
N ALA B 37 -11.82 -22.74 -1.60
CA ALA B 37 -12.57 -22.64 -0.35
C ALA B 37 -12.15 -21.37 0.39
N SER B 38 -13.12 -20.50 0.66
CA SER B 38 -12.84 -19.27 1.40
C SER B 38 -13.06 -19.47 2.90
N SER B 39 -12.28 -18.74 3.70
CA SER B 39 -12.52 -18.70 5.13
C SER B 39 -13.56 -17.66 5.52
N PHE B 40 -14.09 -16.95 4.52
CA PHE B 40 -14.81 -15.71 4.78
C PHE B 40 -16.26 -15.77 4.32
N PRO B 41 -17.15 -14.99 4.98
CA PRO B 41 -18.56 -14.98 4.61
C PRO B 41 -18.80 -14.12 3.38
N LYS B 42 -19.79 -14.51 2.57
CA LYS B 42 -20.06 -13.87 1.29
C LYS B 42 -20.51 -12.42 1.40
N SER B 43 -20.95 -12.02 2.59
CA SER B 43 -21.37 -10.63 2.85
C SER B 43 -20.23 -9.61 2.72
N LEU B 44 -18.98 -10.08 2.81
CA LEU B 44 -17.84 -9.16 2.87
C LEU B 44 -17.13 -9.06 1.51
N ASP B 45 -17.53 -8.07 0.72
CA ASP B 45 -16.95 -7.87 -0.62
C ASP B 45 -15.48 -7.47 -0.59
N THR B 46 -15.00 -7.11 0.61
CA THR B 46 -13.60 -6.86 0.86
C THR B 46 -12.83 -8.17 0.97
N ILE B 47 -12.93 -8.86 2.11
CA ILE B 47 -12.07 -10.00 2.39
C ILE B 47 -12.51 -11.28 1.67
N PHE B 48 -13.80 -11.59 1.70
CA PHE B 48 -14.28 -12.67 0.85
C PHE B 48 -14.13 -12.32 -0.63
N GLY B 49 -14.47 -11.09 -0.98
CA GLY B 49 -14.47 -10.67 -2.38
C GLY B 49 -13.12 -10.76 -3.06
N GLY B 50 -12.04 -10.77 -2.29
CA GLY B 50 -10.71 -10.86 -2.88
C GLY B 50 -10.54 -12.10 -3.75
N ALA B 51 -11.18 -13.19 -3.37
CA ALA B 51 -11.12 -14.41 -4.16
C ALA B 51 -11.88 -14.23 -5.48
N GLU B 52 -13.00 -13.52 -5.44
CA GLU B 52 -13.76 -13.22 -6.65
C GLU B 52 -12.94 -12.35 -7.59
N VAL B 53 -12.18 -11.42 -7.02
CA VAL B 53 -11.32 -10.55 -7.81
C VAL B 53 -10.24 -11.35 -8.53
N LEU B 54 -9.58 -12.25 -7.80
CA LEU B 54 -8.58 -13.13 -8.40
C LEU B 54 -9.20 -13.96 -9.52
N SER B 55 -10.35 -14.56 -9.23
CA SER B 55 -11.03 -15.39 -10.21
C SER B 55 -11.29 -14.64 -11.50
N LYS B 56 -11.81 -13.42 -11.39
CA LYS B 56 -12.11 -12.61 -12.58
C LYS B 56 -10.85 -12.20 -13.32
N MET B 57 -9.78 -11.84 -12.58
CA MET B 57 -8.51 -11.52 -13.22
C MET B 57 -8.05 -12.67 -14.10
N LEU B 58 -8.11 -13.88 -13.55
CA LEU B 58 -7.61 -15.05 -14.25
C LEU B 58 -8.48 -15.45 -15.43
N SER B 59 -9.79 -15.49 -15.26
CA SER B 59 -10.64 -15.90 -16.37
C SER B 59 -10.60 -14.85 -17.48
N GLU B 60 -10.60 -13.57 -17.13
CA GLU B 60 -10.54 -12.53 -18.16
C GLU B 60 -9.21 -12.55 -18.93
N ALA B 61 -8.11 -12.80 -18.23
CA ALA B 61 -6.79 -12.83 -18.87
C ALA B 61 -6.55 -14.05 -19.74
N THR B 62 -7.46 -15.02 -19.69
CA THR B 62 -7.28 -16.29 -20.41
C THR B 62 -8.47 -16.67 -21.28
N ASP B 63 -9.36 -15.71 -21.54
CA ASP B 63 -10.60 -15.95 -22.30
C ASP B 63 -11.42 -17.11 -21.71
N GLY B 64 -11.35 -17.25 -20.38
CA GLY B 64 -12.10 -18.28 -19.68
C GLY B 64 -11.42 -19.62 -19.50
N ASN B 65 -10.16 -19.73 -19.93
CA ASN B 65 -9.44 -21.00 -19.83
C ASN B 65 -8.86 -21.33 -18.46
N PHE B 66 -8.73 -20.33 -17.58
CA PHE B 66 -8.27 -20.55 -16.22
C PHE B 66 -9.42 -20.14 -15.32
N GLN B 67 -10.12 -21.14 -14.79
CA GLN B 67 -11.30 -20.93 -13.96
C GLN B 67 -11.03 -21.28 -12.51
N ILE B 68 -11.15 -20.30 -11.62
CA ILE B 68 -11.17 -20.59 -10.19
C ILE B 68 -12.57 -20.30 -9.68
N GLN B 69 -13.22 -21.36 -9.22
CA GLN B 69 -14.58 -21.28 -8.71
C GLN B 69 -14.50 -20.97 -7.22
N VAL B 70 -15.32 -20.01 -6.78
CA VAL B 70 -15.17 -19.44 -5.44
C VAL B 70 -16.33 -19.79 -4.52
N PHE B 71 -16.00 -20.34 -3.36
CA PHE B 71 -17.00 -20.82 -2.39
C PHE B 71 -16.80 -20.15 -1.02
N SER B 72 -17.85 -19.53 -0.50
CA SER B 72 -17.76 -18.85 0.81
C SER B 72 -17.61 -19.86 1.95
N ALA B 73 -17.23 -19.36 3.12
CA ALA B 73 -17.03 -20.19 4.29
C ALA B 73 -18.23 -21.10 4.56
N GLY B 74 -17.96 -22.38 4.80
CA GLY B 74 -19.03 -23.33 5.12
C GLY B 74 -19.61 -24.02 3.90
N GLU B 75 -19.35 -23.49 2.70
CA GLU B 75 -19.93 -24.11 1.51
C GLU B 75 -19.31 -25.46 1.21
N LEU B 76 -17.99 -25.53 1.23
CA LEU B 76 -17.28 -26.79 1.01
C LEU B 76 -16.77 -27.35 2.32
N VAL B 77 -16.15 -26.49 3.13
CA VAL B 77 -15.59 -26.85 4.43
C VAL B 77 -15.74 -25.65 5.38
N PRO B 78 -15.73 -25.89 6.71
CA PRO B 78 -15.74 -24.76 7.66
C PRO B 78 -14.62 -23.77 7.38
N GLY B 79 -14.90 -22.48 7.58
CA GLY B 79 -13.95 -21.42 7.25
C GLY B 79 -12.60 -21.56 7.95
N LEU B 80 -12.62 -21.97 9.20
CA LEU B 80 -11.38 -22.07 9.97
C LEU B 80 -10.55 -23.29 9.58
N GLN B 81 -11.09 -24.12 8.68
CA GLN B 81 -10.42 -25.34 8.24
C GLN B 81 -10.09 -25.32 6.75
N ALA B 82 -10.14 -24.14 6.14
CA ALA B 82 -9.96 -24.05 4.70
C ALA B 82 -8.63 -24.61 4.21
N ALA B 83 -7.53 -24.24 4.88
CA ALA B 83 -6.21 -24.71 4.45
C ALA B 83 -6.02 -26.22 4.60
N ASP B 84 -6.67 -26.80 5.60
CA ASP B 84 -6.61 -28.24 5.79
C ASP B 84 -7.10 -28.98 4.54
N ALA B 85 -8.16 -28.45 3.92
CA ALA B 85 -8.73 -29.04 2.71
C ALA B 85 -7.77 -28.94 1.53
N VAL B 86 -6.96 -27.89 1.53
CA VAL B 86 -5.94 -27.72 0.50
C VAL B 86 -4.82 -28.75 0.66
N THR B 87 -4.31 -28.88 1.88
CA THR B 87 -3.27 -29.87 2.18
C THR B 87 -3.71 -31.27 1.72
N GLU B 88 -4.98 -31.58 2.00
CA GLU B 88 -5.57 -32.90 1.67
C GLU B 88 -5.91 -33.07 0.19
N GLY B 89 -5.93 -31.98 -0.56
CA GLY B 89 -6.24 -32.02 -1.98
C GLY B 89 -7.73 -32.13 -2.30
N THR B 90 -8.59 -31.92 -1.30
CA THR B 90 -10.03 -31.96 -1.53
C THR B 90 -10.51 -30.72 -2.31
N VAL B 91 -9.78 -29.62 -2.15
CA VAL B 91 -9.89 -28.44 -3.02
C VAL B 91 -8.50 -28.05 -3.49
N GLU B 92 -8.40 -27.39 -4.63
CA GLU B 92 -7.11 -26.98 -5.16
C GLU B 92 -6.51 -25.76 -4.45
N CYS B 93 -7.36 -24.93 -3.85
CA CYS B 93 -6.84 -23.73 -3.20
C CYS B 93 -7.80 -23.18 -2.17
N CYS B 94 -7.31 -22.22 -1.39
CA CYS B 94 -8.15 -21.51 -0.45
C CYS B 94 -7.69 -20.07 -0.35
N HIS B 95 -8.54 -19.26 0.29
CA HIS B 95 -8.22 -17.87 0.59
C HIS B 95 -8.53 -17.74 2.07
N THR B 96 -7.51 -17.41 2.86
CA THR B 96 -7.59 -17.61 4.29
C THR B 96 -6.60 -16.69 4.99
N VAL B 97 -6.61 -16.69 6.32
CA VAL B 97 -5.52 -16.05 7.06
CA VAL B 97 -5.54 -16.04 7.08
C VAL B 97 -4.72 -17.13 7.75
N GLY B 98 -3.42 -17.11 7.51
CA GLY B 98 -2.53 -18.17 7.99
C GLY B 98 -2.60 -18.37 9.48
N TYR B 99 -2.89 -17.32 10.24
CA TYR B 99 -2.97 -17.46 11.70
C TYR B 99 -4.12 -18.33 12.22
N TYR B 100 -5.10 -18.67 11.37
CA TYR B 100 -6.12 -19.63 11.81
C TYR B 100 -5.55 -21.00 12.15
N TYR B 101 -4.36 -21.29 11.64
CA TYR B 101 -3.72 -22.63 11.77
C TYR B 101 -2.62 -22.61 12.80
N TRP B 102 -2.61 -21.59 13.65
CA TRP B 102 -1.61 -21.45 14.73
C TRP B 102 -1.57 -22.69 15.64
N GLY B 103 -2.72 -23.36 15.78
CA GLY B 103 -2.84 -24.56 16.61
C GLY B 103 -2.05 -25.72 16.06
N LYS B 104 -1.92 -25.76 14.74
CA LYS B 104 -1.09 -26.77 14.08
C LYS B 104 0.38 -26.40 14.29
N ASP B 105 0.73 -25.14 14.05
CA ASP B 105 2.10 -24.62 14.20
C ASP B 105 1.99 -23.09 14.16
N PRO B 106 2.40 -22.41 15.25
CA PRO B 106 2.35 -20.95 15.25
C PRO B 106 3.10 -20.27 14.09
N THR B 107 4.04 -20.97 13.48
CA THR B 107 4.74 -20.46 12.28
C THR B 107 3.74 -20.06 11.18
N PHE B 108 2.62 -20.77 11.07
CA PHE B 108 1.57 -20.42 10.11
C PHE B 108 1.16 -18.95 10.22
N ALA B 109 1.20 -18.42 11.43
CA ALA B 109 0.71 -17.07 11.70
C ALA B 109 1.63 -15.97 11.19
N LEU B 110 2.92 -16.26 11.11
CA LEU B 110 3.90 -15.18 10.98
C LEU B 110 3.79 -14.35 9.72
N ALA B 111 3.56 -15.01 8.59
CA ALA B 111 3.45 -14.30 7.31
C ALA B 111 2.05 -13.70 7.09
N ALA B 112 1.13 -14.04 7.99
CA ALA B 112 -0.21 -13.46 8.00
C ALA B 112 -0.13 -12.26 8.93
N ALA B 113 -0.14 -12.52 10.24
CA ALA B 113 0.17 -11.52 11.26
C ALA B 113 0.30 -12.21 12.60
N VAL B 114 1.20 -11.68 13.42
CA VAL B 114 1.20 -11.88 14.87
C VAL B 114 1.15 -10.48 15.50
N PRO B 115 0.72 -10.38 16.77
CA PRO B 115 0.71 -9.07 17.43
C PRO B 115 2.01 -8.27 17.32
N PHE B 116 1.87 -6.97 17.11
CA PHE B 116 3.00 -6.04 17.11
C PHE B 116 4.01 -6.32 15.99
N SER B 117 3.49 -6.71 14.84
CA SER B 117 4.30 -6.93 13.65
C SER B 117 4.19 -5.72 12.70
N LEU B 118 4.52 -5.92 11.44
CA LEU B 118 4.59 -4.84 10.47
C LEU B 118 3.22 -4.31 10.01
N SER B 119 3.22 -3.05 9.56
CA SER B 119 2.11 -2.46 8.82
C SER B 119 1.93 -3.16 7.47
N ALA B 120 0.85 -2.83 6.76
CA ALA B 120 0.62 -3.41 5.45
C ALA B 120 1.78 -3.14 4.48
N ARG B 121 2.19 -1.89 4.37
CA ARG B 121 3.29 -1.58 3.46
C ARG B 121 4.57 -2.25 3.92
N GLY B 122 4.78 -2.31 5.23
CA GLY B 122 5.97 -2.98 5.77
C GLY B 122 6.01 -4.46 5.47
N ILE B 123 4.92 -5.17 5.76
CA ILE B 123 4.93 -6.61 5.52
C ILE B 123 5.05 -6.90 4.01
N ASN B 124 4.41 -6.08 3.19
CA ASN B 124 4.49 -6.29 1.75
C ASN B 124 5.90 -6.08 1.20
N ALA B 125 6.60 -5.07 1.72
CA ALA B 125 8.02 -4.89 1.40
C ALA B 125 8.77 -6.19 1.67
N TRP B 126 8.53 -6.78 2.84
CA TRP B 126 9.18 -8.01 3.23
C TRP B 126 8.74 -9.19 2.35
N HIS B 127 7.44 -9.30 2.09
CA HIS B 127 6.94 -10.38 1.24
C HIS B 127 7.62 -10.41 -0.12
N TYR B 128 7.55 -9.27 -0.80
CA TYR B 128 7.88 -9.23 -2.22
C TYR B 128 9.34 -8.90 -2.51
N HIS B 129 10.02 -8.31 -1.54
CA HIS B 129 11.41 -7.89 -1.77
C HIS B 129 12.38 -8.23 -0.67
N GLY B 130 11.88 -8.78 0.43
CA GLY B 130 12.74 -9.19 1.54
C GLY B 130 12.85 -10.68 1.71
N GLY B 131 12.42 -11.44 0.71
CA GLY B 131 12.51 -12.90 0.75
C GLY B 131 11.39 -13.57 1.52
N GLY B 132 10.38 -12.79 1.90
CA GLY B 132 9.29 -13.32 2.73
C GLY B 132 8.44 -14.41 2.07
N ILE B 133 8.11 -14.23 0.80
CA ILE B 133 7.31 -15.23 0.10
C ILE B 133 8.04 -16.57 0.07
N ASP B 134 9.34 -16.55 -0.22
CA ASP B 134 10.11 -17.79 -0.22
C ASP B 134 10.25 -18.40 1.15
N LEU B 135 10.46 -17.58 2.18
CA LEU B 135 10.58 -18.13 3.54
C LEU B 135 9.30 -18.85 3.94
N TYR B 136 8.16 -18.24 3.67
CA TYR B 136 6.89 -18.85 4.05
C TYR B 136 6.62 -20.12 3.24
N ASN B 137 6.94 -20.08 1.94
CA ASN B 137 6.79 -21.28 1.10
C ASN B 137 7.71 -22.42 1.47
N GLU B 138 8.91 -22.09 1.98
CA GLU B 138 9.81 -23.13 2.47
C GLU B 138 9.18 -23.85 3.66
N PHE B 139 8.53 -23.10 4.53
CA PHE B 139 7.80 -23.69 5.65
C PHE B 139 6.58 -24.47 5.17
N LEU B 140 5.87 -23.94 4.19
CA LEU B 140 4.60 -24.52 3.76
C LEU B 140 4.76 -25.76 2.89
N SER B 141 5.94 -25.97 2.33
CA SER B 141 6.18 -27.10 1.43
C SER B 141 5.78 -28.45 2.05
N GLN B 142 6.18 -28.66 3.30
CA GLN B 142 5.89 -29.89 4.03
C GLN B 142 4.39 -30.09 4.24
N HIS B 143 3.64 -28.99 4.14
CA HIS B 143 2.19 -29.02 4.32
C HIS B 143 1.46 -29.04 2.98
N ASN B 144 2.22 -29.28 1.90
CA ASN B 144 1.67 -29.45 0.56
C ASN B 144 0.99 -28.18 0.03
N ILE B 145 1.52 -27.03 0.41
CA ILE B 145 0.95 -25.74 0.04
C ILE B 145 2.02 -24.84 -0.55
N VAL B 146 1.63 -24.08 -1.59
CA VAL B 146 2.40 -22.95 -2.10
C VAL B 146 1.46 -21.77 -1.95
N ALA B 147 1.92 -20.71 -1.30
CA ALA B 147 1.05 -19.57 -0.98
C ALA B 147 1.61 -18.26 -1.50
N PHE B 148 0.70 -17.34 -1.82
CA PHE B 148 1.05 -15.96 -2.20
C PHE B 148 0.10 -15.00 -1.51
N PRO B 149 0.60 -13.83 -1.12
CA PRO B 149 -0.28 -12.82 -0.53
C PRO B 149 -1.54 -12.58 -1.39
N GLY B 150 -2.67 -12.44 -0.69
CA GLY B 150 -3.97 -12.30 -1.36
C GLY B 150 -4.87 -11.24 -0.74
N GLY B 151 -4.25 -10.25 -0.10
CA GLY B 151 -4.98 -9.13 0.48
C GLY B 151 -4.32 -8.68 1.77
N ASN B 152 -4.71 -7.48 2.21
CA ASN B 152 -4.33 -6.97 3.51
C ASN B 152 -5.46 -6.11 3.99
N THR B 153 -5.64 -6.03 5.31
CA THR B 153 -6.71 -5.20 5.87
C THR B 153 -6.20 -3.85 6.37
N GLY B 154 -4.89 -3.66 6.38
CA GLY B 154 -4.30 -2.53 7.09
C GLY B 154 -4.46 -2.72 8.60
N VAL B 155 -4.11 -1.70 9.37
CA VAL B 155 -4.20 -1.78 10.83
C VAL B 155 -5.64 -2.06 11.25
N GLN B 156 -5.83 -3.14 12.00
CA GLN B 156 -7.16 -3.49 12.45
C GLN B 156 -7.64 -2.61 13.58
N MET B 157 -8.94 -2.60 13.77
CA MET B 157 -9.53 -1.95 14.93
C MET B 157 -9.35 -2.81 16.17
N GLY B 158 -9.65 -2.22 17.32
CA GLY B 158 -9.40 -2.83 18.61
C GLY B 158 -10.56 -3.62 19.19
N GLY B 159 -11.57 -3.87 18.38
CA GLY B 159 -12.70 -4.71 18.78
C GLY B 159 -13.85 -4.00 19.48
N TRP B 160 -14.84 -4.81 19.84
CA TRP B 160 -16.16 -4.38 20.25
C TRP B 160 -16.45 -4.88 21.65
N PHE B 161 -16.80 -3.95 22.53
CA PHE B 161 -16.96 -4.22 23.96
C PHE B 161 -18.27 -3.63 24.48
N ARG B 162 -18.82 -4.25 25.51
CA ARG B 162 -20.04 -3.76 26.14
C ARG B 162 -19.78 -2.76 27.24
N ARG B 163 -18.51 -2.65 27.64
CA ARG B 163 -18.08 -1.77 28.73
C ARG B 163 -16.77 -1.09 28.35
N GLU B 164 -16.44 0.00 29.04
CA GLU B 164 -15.17 0.68 28.86
C GLU B 164 -14.01 -0.23 29.24
N ILE B 165 -12.93 -0.10 28.48
CA ILE B 165 -11.69 -0.81 28.75
C ILE B 165 -10.62 0.27 28.99
N ASN B 166 -10.33 0.54 30.26
CA ASN B 166 -9.40 1.60 30.64
C ASN B 166 -8.08 1.07 31.19
N THR B 167 -8.11 -0.15 31.72
CA THR B 167 -6.92 -0.80 32.27
C THR B 167 -6.91 -2.26 31.82
N VAL B 168 -5.80 -2.95 32.04
CA VAL B 168 -5.72 -4.38 31.74
C VAL B 168 -6.65 -5.20 32.65
N ALA B 169 -6.88 -4.70 33.87
CA ALA B 169 -7.81 -5.31 34.80
C ALA B 169 -9.22 -5.43 34.19
N ASP B 170 -9.59 -4.45 33.37
CA ASP B 170 -10.89 -4.42 32.70
C ASP B 170 -11.03 -5.55 31.67
N MET B 171 -9.91 -6.08 31.23
CA MET B 171 -9.90 -7.16 30.24
C MET B 171 -10.06 -8.54 30.88
N GLN B 172 -9.77 -8.63 32.19
CA GLN B 172 -9.75 -9.91 32.87
C GLN B 172 -11.09 -10.62 32.85
N GLY B 173 -11.07 -11.88 32.42
CA GLY B 173 -12.27 -12.71 32.39
C GLY B 173 -13.17 -12.52 31.18
N LEU B 174 -12.83 -11.58 30.31
CA LEU B 174 -13.66 -11.33 29.12
C LEU B 174 -13.61 -12.53 28.18
N LYS B 175 -14.78 -13.02 27.79
CA LYS B 175 -14.88 -14.03 26.75
C LYS B 175 -14.87 -13.28 25.43
N MET B 176 -13.75 -13.33 24.73
CA MET B 176 -13.57 -12.51 23.54
C MET B 176 -13.23 -13.35 22.32
N ARG B 177 -13.94 -13.12 21.22
CA ARG B 177 -13.55 -13.74 19.96
C ARG B 177 -12.36 -12.98 19.40
N VAL B 178 -11.27 -13.73 19.16
CA VAL B 178 -10.00 -13.20 18.68
C VAL B 178 -9.44 -14.13 17.60
N GLY B 179 -8.87 -13.56 16.54
CA GLY B 179 -8.26 -14.37 15.48
C GLY B 179 -6.80 -14.73 15.78
N GLY B 180 -6.45 -15.97 15.45
CA GLY B 180 -5.04 -16.36 15.37
C GLY B 180 -4.28 -16.47 16.68
N PHE B 181 -2.96 -16.25 16.57
CA PHE B 181 -2.02 -16.45 17.66
C PHE B 181 -2.19 -15.41 18.77
N ALA B 182 -2.96 -14.36 18.47
CA ALA B 182 -3.30 -13.33 19.45
C ALA B 182 -4.05 -13.92 20.64
N GLY B 183 -4.76 -15.02 20.42
CA GLY B 183 -5.43 -15.73 21.52
C GLY B 183 -4.47 -16.09 22.64
N LYS B 184 -3.31 -16.63 22.27
CA LYS B 184 -2.28 -16.98 23.27
C LYS B 184 -1.79 -15.77 24.05
N VAL B 185 -1.60 -14.64 23.36
CA VAL B 185 -1.22 -13.41 24.04
C VAL B 185 -2.34 -12.92 24.96
N MET B 186 -3.58 -12.98 24.47
CA MET B 186 -4.75 -12.59 25.25
C MET B 186 -4.89 -13.39 26.53
N GLU B 187 -4.61 -14.70 26.44
CA GLU B 187 -4.67 -15.58 27.62
C GLU B 187 -3.80 -15.07 28.77
N ARG B 188 -2.60 -14.58 28.46
CA ARG B 188 -1.72 -14.08 29.52
C ARG B 188 -2.16 -12.76 30.14
N LEU B 189 -3.09 -12.09 29.46
CA LEU B 189 -3.69 -10.87 29.98
C LEU B 189 -4.98 -11.18 30.75
N GLY B 190 -5.34 -12.46 30.82
CA GLY B 190 -6.51 -12.89 31.59
C GLY B 190 -7.79 -12.97 30.78
N VAL B 191 -7.69 -12.70 29.48
CA VAL B 191 -8.81 -12.84 28.54
C VAL B 191 -9.04 -14.31 28.23
N VAL B 192 -10.30 -14.68 27.96
CA VAL B 192 -10.65 -16.04 27.59
C VAL B 192 -11.00 -16.06 26.10
N PRO B 193 -10.01 -16.36 25.25
CA PRO B 193 -10.25 -16.21 23.80
C PRO B 193 -11.10 -17.32 23.21
N GLN B 194 -11.93 -16.96 22.22
CA GLN B 194 -12.76 -17.92 21.49
C GLN B 194 -12.43 -17.84 20.01
N GLN B 195 -12.59 -18.99 19.34
CA GLN B 195 -12.26 -19.12 17.94
C GLN B 195 -13.55 -19.26 17.15
N ILE B 196 -13.86 -18.26 16.31
CA ILE B 196 -15.09 -18.27 15.50
C ILE B 196 -14.88 -17.63 14.11
N ALA B 197 -15.32 -18.32 13.07
CA ALA B 197 -15.28 -17.78 11.71
C ALA B 197 -16.16 -16.54 11.58
N GLY B 198 -15.76 -15.64 10.68
CA GLY B 198 -16.38 -14.32 10.56
C GLY B 198 -17.88 -14.27 10.61
N GLY B 199 -18.53 -15.09 9.79
CA GLY B 199 -19.99 -15.04 9.66
C GLY B 199 -20.80 -15.59 10.83
N ASP B 200 -20.10 -16.21 11.78
CA ASP B 200 -20.76 -16.81 12.94
C ASP B 200 -20.49 -16.07 14.24
N ILE B 201 -19.82 -14.92 14.17
CA ILE B 201 -19.50 -14.16 15.37
C ILE B 201 -20.73 -13.45 15.93
N TYR B 202 -21.47 -12.77 15.06
CA TYR B 202 -22.58 -11.95 15.50
C TYR B 202 -23.60 -12.69 16.38
N PRO B 203 -24.10 -13.87 15.92
CA PRO B 203 -25.06 -14.58 16.78
C PRO B 203 -24.52 -14.90 18.17
N ALA B 204 -23.25 -15.25 18.29
CA ALA B 204 -22.65 -15.53 19.60
C ALA B 204 -22.64 -14.27 20.47
N LEU B 205 -22.32 -13.13 19.87
CA LEU B 205 -22.35 -11.86 20.58
C LEU B 205 -23.78 -11.50 21.02
N GLU B 206 -24.72 -11.59 20.09
CA GLU B 206 -26.10 -11.24 20.41
C GLU B 206 -26.64 -12.12 21.54
N LYS B 207 -26.39 -13.42 21.46
CA LYS B 207 -26.89 -14.36 22.46
C LYS B 207 -26.14 -14.27 23.79
N GLY B 208 -24.99 -13.60 23.77
CA GLY B 208 -24.22 -13.38 24.99
C GLY B 208 -23.28 -14.51 25.35
N THR B 209 -23.01 -15.41 24.41
CA THR B 209 -22.05 -16.48 24.67
C THR B 209 -20.59 -16.01 24.54
N ILE B 210 -20.38 -14.87 23.89
CA ILE B 210 -19.14 -14.12 24.02
C ILE B 210 -19.48 -12.71 24.53
N ASP B 211 -18.53 -12.09 25.23
CA ASP B 211 -18.70 -10.75 25.80
C ASP B 211 -18.28 -9.67 24.81
N ALA B 212 -17.30 -10.00 23.98
CA ALA B 212 -16.61 -9.03 23.13
C ALA B 212 -16.09 -9.74 21.91
N THR B 213 -15.74 -8.95 20.89
CA THR B 213 -15.15 -9.53 19.68
C THR B 213 -14.29 -8.54 18.95
N GLU B 214 -13.30 -9.07 18.25
CA GLU B 214 -12.65 -8.30 17.21
C GLU B 214 -12.85 -9.04 15.89
N TRP B 215 -12.88 -8.26 14.81
CA TRP B 215 -12.89 -8.82 13.45
C TRP B 215 -11.85 -8.09 12.61
N VAL B 216 -12.20 -6.95 11.99
CA VAL B 216 -11.25 -6.30 11.09
C VAL B 216 -11.22 -4.77 11.20
N GLY B 217 -12.34 -4.12 10.90
CA GLY B 217 -12.35 -2.68 10.77
C GLY B 217 -13.75 -2.20 10.49
N PRO B 218 -13.91 -0.90 10.31
CA PRO B 218 -15.27 -0.32 10.28
C PRO B 218 -16.18 -0.89 9.21
N TYR B 219 -15.69 -1.07 7.98
CA TYR B 219 -16.57 -1.55 6.94
C TYR B 219 -17.08 -2.95 7.23
N ASP B 220 -16.17 -3.89 7.45
CA ASP B 220 -16.59 -5.26 7.69
C ASP B 220 -17.39 -5.35 8.97
N ASP B 221 -16.91 -4.67 10.01
CA ASP B 221 -17.49 -4.86 11.34
C ASP B 221 -18.92 -4.34 11.37
N GLU B 222 -19.14 -3.21 10.69
CA GLU B 222 -20.49 -2.68 10.55
C GLU B 222 -21.41 -3.68 9.84
N LYS B 223 -20.93 -4.24 8.73
CA LYS B 223 -21.72 -5.22 7.98
C LYS B 223 -22.09 -6.43 8.84
N LEU B 224 -21.16 -6.87 9.69
CA LEU B 224 -21.42 -8.02 10.56
C LEU B 224 -22.35 -7.68 11.72
N GLY B 225 -22.41 -6.41 12.11
CA GLY B 225 -23.54 -5.92 12.92
C GLY B 225 -23.29 -5.79 14.41
N PHE B 226 -22.04 -5.93 14.84
CA PHE B 226 -21.73 -5.96 16.28
C PHE B 226 -22.19 -4.72 17.03
N PHE B 227 -22.18 -3.58 16.36
CA PHE B 227 -22.47 -2.28 16.97
C PHE B 227 -23.87 -2.17 17.56
N LYS B 228 -24.76 -3.06 17.13
CA LYS B 228 -26.13 -3.05 17.65
C LYS B 228 -26.21 -3.76 19.01
N VAL B 229 -25.12 -4.38 19.41
CA VAL B 229 -25.01 -5.03 20.72
C VAL B 229 -23.97 -4.32 21.58
N ALA B 230 -22.72 -4.26 21.08
CA ALA B 230 -21.60 -3.69 21.82
C ALA B 230 -21.30 -2.31 21.26
N PRO B 231 -21.41 -1.25 22.08
CA PRO B 231 -21.23 0.10 21.54
C PRO B 231 -19.82 0.69 21.60
N TYR B 232 -18.90 0.04 22.32
CA TYR B 232 -17.55 0.56 22.45
C TYR B 232 -16.63 -0.08 21.41
N TYR B 233 -16.05 0.76 20.56
CA TYR B 233 -15.17 0.32 19.48
C TYR B 233 -13.80 0.88 19.77
N TYR B 234 -12.90 0.00 20.20
CA TYR B 234 -11.56 0.42 20.61
C TYR B 234 -10.59 0.40 19.45
N TYR B 235 -9.43 1.01 19.66
CA TYR B 235 -8.37 1.00 18.64
C TYR B 235 -7.05 1.32 19.31
N PRO B 236 -5.93 0.87 18.72
CA PRO B 236 -5.80 0.03 17.54
C PRO B 236 -5.89 -1.45 17.90
N GLY B 237 -6.18 -2.30 16.92
CA GLY B 237 -6.06 -3.74 17.08
C GLY B 237 -4.60 -4.11 16.98
N TRP B 238 -3.92 -4.05 18.11
CA TRP B 238 -2.47 -4.26 18.17
C TRP B 238 -2.08 -5.69 17.79
N TRP B 239 -3.08 -6.56 17.76
CA TRP B 239 -2.91 -7.95 17.33
C TRP B 239 -2.63 -8.09 15.84
N GLU B 240 -3.10 -7.13 15.04
CA GLU B 240 -3.00 -7.24 13.59
C GLU B 240 -2.76 -5.87 12.96
N GLY B 241 -1.48 -5.47 12.92
CA GLY B 241 -1.11 -4.17 12.34
C GLY B 241 -1.17 -4.12 10.82
N GLY B 242 -1.10 -5.28 10.18
CA GLY B 242 -1.11 -5.35 8.72
C GLY B 242 -1.19 -6.78 8.25
N PRO B 243 -2.31 -7.46 8.54
CA PRO B 243 -2.38 -8.90 8.26
C PRO B 243 -2.61 -9.19 6.79
N THR B 244 -1.78 -10.11 6.27
CA THR B 244 -1.95 -10.62 4.92
C THR B 244 -2.94 -11.76 4.90
N VAL B 245 -3.77 -11.77 3.86
CA VAL B 245 -4.79 -12.78 3.64
C VAL B 245 -4.29 -13.64 2.46
N HIS B 246 -3.76 -14.83 2.74
CA HIS B 246 -3.09 -15.60 1.69
C HIS B 246 -4.05 -16.34 0.78
N PHE B 247 -3.67 -16.41 -0.50
CA PHE B 247 -4.14 -17.51 -1.34
C PHE B 247 -3.18 -18.67 -1.13
N MET B 248 -3.74 -19.83 -0.80
CA MET B 248 -2.94 -21.03 -0.61
C MET B 248 -3.34 -22.06 -1.63
N PHE B 249 -2.34 -22.57 -2.36
CA PHE B 249 -2.57 -23.50 -3.46
C PHE B 249 -2.01 -24.86 -3.12
N ASN B 250 -2.77 -25.90 -3.45
CA ASN B 250 -2.25 -27.24 -3.32
C ASN B 250 -0.98 -27.35 -4.16
N LYS B 251 0.09 -27.90 -3.57
CA LYS B 251 1.39 -27.92 -4.25
C LYS B 251 1.36 -28.66 -5.58
N SER B 252 0.71 -29.83 -5.61
N SER B 252 0.68 -29.81 -5.60
CA SER B 252 0.59 -30.57 -6.86
CA SER B 252 0.53 -30.62 -6.81
C SER B 252 -0.15 -29.74 -7.90
C SER B 252 -0.28 -29.93 -7.91
N ALA B 253 -1.30 -29.18 -7.51
CA ALA B 253 -2.12 -28.40 -8.45
C ALA B 253 -1.31 -27.24 -9.05
N TYR B 254 -0.58 -26.52 -8.19
CA TYR B 254 0.25 -25.40 -8.62
C TYR B 254 1.38 -25.84 -9.56
N GLU B 255 2.07 -26.92 -9.19
CA GLU B 255 3.20 -27.40 -9.98
C GLU B 255 2.77 -28.05 -11.29
N GLY B 256 1.51 -28.47 -11.37
CA GLY B 256 0.90 -28.95 -12.61
C GLY B 256 0.53 -27.88 -13.62
N LEU B 257 0.53 -26.61 -13.22
CA LEU B 257 0.28 -25.53 -14.16
C LEU B 257 1.47 -25.35 -15.10
N THR B 258 1.21 -24.86 -16.31
CA THR B 258 2.29 -24.45 -17.21
C THR B 258 3.02 -23.26 -16.59
N PRO B 259 4.31 -23.07 -16.91
CA PRO B 259 5.01 -21.87 -16.40
C PRO B 259 4.25 -20.58 -16.69
N THR B 260 3.57 -20.52 -17.83
CA THR B 260 2.79 -19.34 -18.22
C THR B 260 1.64 -19.07 -17.24
N TYR B 261 0.88 -20.12 -16.92
CA TYR B 261 -0.21 -19.98 -15.96
C TYR B 261 0.30 -19.75 -14.54
N GLN B 262 1.43 -20.36 -14.19
CA GLN B 262 2.05 -20.10 -12.89
C GLN B 262 2.42 -18.63 -12.72
N SER B 263 3.02 -18.04 -13.75
CA SER B 263 3.42 -16.65 -13.68
C SER B 263 2.19 -15.75 -13.64
N LEU B 264 1.21 -16.04 -14.49
CA LEU B 264 -0.02 -15.27 -14.48
C LEU B 264 -0.67 -15.35 -13.09
N LEU B 265 -0.68 -16.52 -12.48
CA LEU B 265 -1.26 -16.67 -11.15
C LEU B 265 -0.57 -15.77 -10.13
N ARG B 266 0.77 -15.74 -10.15
CA ARG B 266 1.52 -14.88 -9.22
C ARG B 266 1.21 -13.40 -9.46
N THR B 267 1.18 -12.98 -10.73
CA THR B 267 0.87 -11.60 -11.06
C THR B 267 -0.52 -11.22 -10.58
N ALA B 268 -1.50 -12.09 -10.84
CA ALA B 268 -2.87 -11.80 -10.43
C ALA B 268 -3.01 -11.78 -8.91
N CYS B 269 -2.34 -12.66 -8.18
CA CYS B 269 -2.36 -12.60 -6.70
C CYS B 269 -1.78 -11.28 -6.21
N HIS B 270 -0.69 -10.82 -6.84
CA HIS B 270 -0.02 -9.59 -6.47
C HIS B 270 -1.01 -8.42 -6.64
N ALA B 271 -1.73 -8.41 -7.76
CA ALA B 271 -2.73 -7.37 -8.03
C ALA B 271 -3.93 -7.46 -7.08
N ALA B 272 -4.43 -8.66 -6.84
CA ALA B 272 -5.58 -8.84 -5.94
C ALA B 272 -5.23 -8.48 -4.50
N ASP B 273 -3.99 -8.76 -4.10
CA ASP B 273 -3.47 -8.40 -2.79
C ASP B 273 -3.58 -6.89 -2.59
N ALA B 274 -3.11 -6.13 -3.59
CA ALA B 274 -3.18 -4.67 -3.51
C ALA B 274 -4.63 -4.22 -3.54
N ASN B 275 -5.41 -4.87 -4.41
CA ASN B 275 -6.80 -4.45 -4.61
C ASN B 275 -7.60 -4.52 -3.32
N MET B 276 -7.39 -5.54 -2.51
CA MET B 276 -8.17 -5.67 -1.28
C MET B 276 -7.85 -4.54 -0.31
N LEU B 277 -6.56 -4.28 -0.12
CA LEU B 277 -6.13 -3.18 0.76
C LEU B 277 -6.75 -1.86 0.29
N GLN B 278 -6.72 -1.63 -1.02
CA GLN B 278 -7.24 -0.41 -1.61
C GLN B 278 -8.75 -0.28 -1.40
N LEU B 279 -9.45 -1.41 -1.45
CA LEU B 279 -10.90 -1.41 -1.19
C LEU B 279 -11.22 -1.06 0.26
N TYR B 280 -10.49 -1.66 1.21
CA TYR B 280 -10.63 -1.26 2.60
C TYR B 280 -10.34 0.22 2.78
N ASP B 281 -9.27 0.69 2.16
CA ASP B 281 -8.93 2.11 2.31
C ASP B 281 -9.99 3.05 1.75
N TRP B 282 -10.69 2.60 0.69
CA TRP B 282 -11.80 3.36 0.15
C TRP B 282 -13.05 3.31 1.04
N LYS B 283 -13.37 2.11 1.52
CA LYS B 283 -14.65 1.89 2.22
C LYS B 283 -14.63 2.24 3.70
N ASN B 284 -13.49 2.05 4.36
CA ASN B 284 -13.43 2.26 5.81
C ASN B 284 -13.79 3.68 6.28
N PRO B 285 -13.31 4.73 5.58
CA PRO B 285 -13.66 6.07 6.06
C PRO B 285 -15.17 6.35 6.06
N THR B 286 -15.88 5.82 5.08
CA THR B 286 -17.33 6.01 5.00
C THR B 286 -18.02 5.18 6.11
N ALA B 287 -17.53 3.98 6.36
CA ALA B 287 -18.12 3.11 7.38
C ALA B 287 -17.90 3.61 8.80
N ILE B 288 -16.73 4.16 9.09
N ILE B 288 -16.73 4.17 9.11
CA ILE B 288 -16.50 4.71 10.43
CA ILE B 288 -16.54 4.67 10.47
C ILE B 288 -17.50 5.83 10.70
C ILE B 288 -17.44 5.89 10.74
N LYS B 289 -17.73 6.69 9.72
CA LYS B 289 -18.68 7.77 9.84
C LYS B 289 -20.10 7.24 10.10
N SER B 290 -20.47 6.16 9.41
CA SER B 290 -21.76 5.51 9.60
C SER B 290 -21.90 5.00 11.03
N LEU B 291 -20.87 4.33 11.53
CA LEU B 291 -20.91 3.78 12.87
C LEU B 291 -21.07 4.87 13.93
N VAL B 292 -20.32 5.95 13.77
CA VAL B 292 -20.43 7.08 14.68
C VAL B 292 -21.80 7.75 14.59
N ALA B 293 -22.33 7.89 13.38
CA ALA B 293 -23.66 8.47 13.22
C ALA B 293 -24.71 7.62 13.92
N GLN B 294 -24.47 6.32 14.00
CA GLN B 294 -25.40 5.39 14.64
C GLN B 294 -25.21 5.25 16.16
N GLY B 295 -24.23 5.96 16.69
CA GLY B 295 -24.06 6.09 18.15
C GLY B 295 -22.87 5.39 18.75
N THR B 296 -22.08 4.71 17.92
CA THR B 296 -20.92 3.97 18.38
C THR B 296 -19.88 4.90 18.99
N GLN B 297 -19.25 4.44 20.09
CA GLN B 297 -18.25 5.23 20.79
C GLN B 297 -16.85 4.71 20.48
N LEU B 298 -16.04 5.55 19.83
CA LEU B 298 -14.66 5.17 19.50
C LEU B 298 -13.76 5.57 20.65
N ARG B 299 -12.91 4.64 21.07
CA ARG B 299 -12.00 4.90 22.20
C ARG B 299 -10.64 4.30 21.98
N PRO B 300 -9.56 5.04 22.29
CA PRO B 300 -8.22 4.46 22.20
C PRO B 300 -7.90 3.56 23.39
N PHE B 301 -7.18 2.46 23.13
CA PHE B 301 -6.51 1.76 24.21
C PHE B 301 -5.42 2.68 24.78
N SER B 302 -5.34 2.72 26.11
CA SER B 302 -4.33 3.54 26.78
C SER B 302 -2.91 3.04 26.46
N PRO B 303 -1.91 3.95 26.52
CA PRO B 303 -0.52 3.52 26.38
C PRO B 303 -0.13 2.41 27.37
N GLU B 304 -0.69 2.44 28.57
CA GLU B 304 -0.45 1.40 29.57
C GLU B 304 -0.96 0.03 29.13
N ILE B 305 -2.17 -0.01 28.57
CA ILE B 305 -2.72 -1.26 28.04
C ILE B 305 -1.82 -1.77 26.92
N LEU B 306 -1.44 -0.87 26.01
CA LEU B 306 -0.61 -1.27 24.88
C LEU B 306 0.74 -1.82 25.35
N GLN B 307 1.35 -1.18 26.35
CA GLN B 307 2.60 -1.67 26.91
C GLN B 307 2.47 -3.05 27.53
N ALA B 308 1.39 -3.26 28.30
CA ALA B 308 1.13 -4.56 28.93
C ALA B 308 0.95 -5.66 27.89
N CYS B 309 0.21 -5.35 26.83
CA CYS B 309 0.00 -6.31 25.75
C CYS B 309 1.29 -6.63 25.00
N PHE B 310 2.11 -5.60 24.78
CA PHE B 310 3.41 -5.77 24.14
C PHE B 310 4.30 -6.70 24.97
N GLU B 311 4.33 -6.48 26.28
CA GLU B 311 5.14 -7.30 27.18
C GLU B 311 4.68 -8.76 27.19
N ALA B 312 3.36 -8.97 27.19
CA ALA B 312 2.80 -10.31 27.11
C ALA B 312 3.18 -11.00 25.78
N ALA B 313 3.07 -10.26 24.69
CA ALA B 313 3.46 -10.78 23.37
C ALA B 313 4.95 -11.16 23.34
N ASN B 314 5.79 -10.28 23.89
CA ASN B 314 7.24 -10.49 23.95
C ASN B 314 7.59 -11.81 24.66
N GLU B 315 6.91 -12.05 25.78
CA GLU B 315 7.12 -13.29 26.54
C GLU B 315 6.70 -14.52 25.77
N VAL B 316 5.53 -14.45 25.13
CA VAL B 316 5.05 -15.54 24.28
C VAL B 316 6.03 -15.85 23.13
N TYR B 317 6.53 -14.81 22.47
CA TYR B 317 7.46 -15.00 21.35
C TYR B 317 8.80 -15.57 21.82
N ALA B 318 9.27 -15.14 22.98
CA ALA B 318 10.53 -15.61 23.53
C ALA B 318 10.48 -17.13 23.76
N GLU B 319 9.38 -17.61 24.31
CA GLU B 319 9.15 -19.05 24.50
C GLU B 319 9.08 -19.76 23.16
N MET B 320 8.33 -19.19 22.22
CA MET B 320 8.12 -19.79 20.91
C MET B 320 9.38 -19.87 20.06
N GLU B 321 10.18 -18.80 20.05
CA GLU B 321 11.46 -18.75 19.32
C GLU B 321 12.41 -19.84 19.80
N ALA B 322 12.43 -20.06 21.11
CA ALA B 322 13.34 -21.03 21.73
C ALA B 322 12.95 -22.46 21.35
N SER B 323 11.66 -22.74 21.32
CA SER B 323 11.17 -24.10 21.11
C SER B 323 10.83 -24.47 19.66
N ASN B 324 10.75 -23.47 18.79
CA ASN B 324 10.26 -23.68 17.42
C ASN B 324 11.20 -23.03 16.40
N PRO B 325 12.17 -23.80 15.85
CA PRO B 325 13.15 -23.23 14.93
C PRO B 325 12.56 -22.57 13.69
N ALA B 326 11.50 -23.14 13.12
CA ALA B 326 10.86 -22.54 11.93
C ALA B 326 10.25 -21.19 12.27
N PHE B 327 9.62 -21.10 13.43
CA PHE B 327 9.06 -19.86 13.92
C PHE B 327 10.16 -18.82 14.11
N LYS B 328 11.26 -19.21 14.76
CA LYS B 328 12.36 -18.28 14.99
C LYS B 328 12.95 -17.73 13.69
N LYS B 329 13.13 -18.60 12.69
CA LYS B 329 13.72 -18.18 11.43
C LYS B 329 12.89 -17.08 10.77
N ILE B 330 11.59 -17.31 10.67
CA ILE B 330 10.73 -16.32 10.02
C ILE B 330 10.54 -15.06 10.88
N TRP B 331 10.31 -15.22 12.19
CA TRP B 331 10.08 -14.08 13.05
C TRP B 331 11.33 -13.20 13.14
N ASP B 332 12.51 -13.81 13.20
CA ASP B 332 13.75 -13.02 13.22
C ASP B 332 13.93 -12.22 11.93
N SER B 333 13.48 -12.77 10.81
CA SER B 333 13.58 -12.09 9.52
C SER B 333 12.64 -10.87 9.49
N ILE B 334 11.42 -11.08 9.96
CA ILE B 334 10.44 -9.98 10.05
C ILE B 334 10.96 -8.91 11.01
N LYS B 335 11.45 -9.31 12.19
CA LYS B 335 11.91 -8.32 13.17
C LYS B 335 13.10 -7.51 12.70
N ALA B 336 13.99 -8.12 11.92
CA ALA B 336 15.15 -7.42 11.41
C ALA B 336 14.71 -6.24 10.55
N PHE B 337 13.72 -6.47 9.69
CA PHE B 337 13.18 -5.40 8.87
C PHE B 337 12.29 -4.44 9.67
N ARG B 338 11.53 -4.99 10.62
CA ARG B 338 10.60 -4.19 11.43
C ARG B 338 11.27 -2.97 12.08
N SER B 339 12.46 -3.15 12.63
CA SER B 339 13.18 -2.04 13.27
CA SER B 339 13.15 -2.03 13.27
C SER B 339 13.60 -0.98 12.26
N GLU B 340 14.05 -1.43 11.08
CA GLU B 340 14.47 -0.52 10.02
C GLU B 340 13.26 0.24 9.47
N HIS B 341 12.17 -0.48 9.28
CA HIS B 341 10.94 0.12 8.78
C HIS B 341 10.44 1.24 9.69
N TYR B 342 10.37 0.97 10.99
CA TYR B 342 9.83 1.95 11.94
C TYR B 342 10.80 3.06 12.27
N THR B 343 12.05 2.93 11.83
CA THR B 343 12.98 4.05 11.86
C THR B 343 12.70 4.98 10.68
N TRP B 344 12.64 4.42 9.48
CA TRP B 344 12.41 5.21 8.28
C TRP B 344 11.00 5.84 8.26
N ALA B 345 9.99 5.12 8.73
CA ALA B 345 8.62 5.64 8.71
C ALA B 345 8.45 6.93 9.50
N GLN B 346 9.34 7.18 10.46
CA GLN B 346 9.29 8.37 11.30
C GLN B 346 9.75 9.63 10.59
N ILE B 347 10.31 9.49 9.40
N ILE B 347 10.32 9.47 9.41
CA ILE B 347 10.91 10.62 8.71
CA ILE B 347 10.92 10.60 8.69
C ILE B 347 9.90 11.29 7.77
C ILE B 347 9.86 11.23 7.78
N ALA B 348 9.90 10.93 6.49
CA ALA B 348 8.95 11.55 5.54
C ALA B 348 7.49 11.19 5.84
N GLU B 349 7.22 9.90 6.02
CA GLU B 349 5.84 9.41 6.14
C GLU B 349 5.13 10.02 7.35
N TYR B 350 5.71 9.85 8.53
CA TYR B 350 5.07 10.34 9.75
C TYR B 350 4.84 11.85 9.70
N ASN B 351 5.84 12.58 9.24
CA ASN B 351 5.72 14.03 9.26
C ASN B 351 4.72 14.57 8.25
N TYR B 352 4.66 13.95 7.08
CA TYR B 352 3.65 14.34 6.10
C TYR B 352 2.24 14.00 6.57
N ASP B 353 2.02 12.75 6.97
CA ASP B 353 0.69 12.33 7.37
C ASP B 353 0.22 13.10 8.59
N THR B 354 1.10 13.34 9.56
CA THR B 354 0.77 14.14 10.76
C THR B 354 0.35 15.55 10.36
N PHE B 355 1.13 16.18 9.49
CA PHE B 355 0.77 17.53 9.05
C PHE B 355 -0.62 17.55 8.44
N MET B 356 -0.93 16.56 7.59
CA MET B 356 -2.24 16.51 6.91
C MET B 356 -3.38 16.28 7.90
N MET B 357 -3.14 15.44 8.91
CA MET B 357 -4.13 15.21 9.95
C MET B 357 -4.39 16.46 10.79
N VAL B 358 -3.32 17.18 11.10
CA VAL B 358 -3.46 18.46 11.81
C VAL B 358 -4.28 19.44 10.97
N GLN B 359 -4.00 19.51 9.67
CA GLN B 359 -4.78 20.40 8.78
C GLN B 359 -6.24 19.97 8.75
N GLN B 360 -6.48 18.67 8.67
CA GLN B 360 -7.84 18.16 8.67
C GLN B 360 -8.59 18.63 9.90
N ASN B 361 -7.98 18.43 11.07
CA ASN B 361 -8.62 18.76 12.34
C ASN B 361 -8.85 20.25 12.53
N ALA B 362 -7.99 21.05 11.89
CA ALA B 362 -8.10 22.52 11.92
C ALA B 362 -9.11 23.06 10.91
N GLY B 363 -9.70 22.17 10.11
CA GLY B 363 -10.66 22.58 9.09
C GLY B 363 -10.03 23.16 7.84
N LYS B 364 -8.74 22.90 7.63
CA LYS B 364 -8.00 23.50 6.51
C LYS B 364 -8.02 22.66 5.23
N LEU B 365 -8.54 21.44 5.30
CA LEU B 365 -8.70 20.60 4.10
C LEU B 365 -10.09 20.73 3.49
NA NA C . 9.82 14.41 -6.91
C PYR D . 10.23 13.60 -10.00
O PYR D . 10.47 13.76 -11.27
OXT PYR D . 10.37 14.63 -9.21
CA PYR D . 9.85 12.37 -9.46
O3 PYR D . 9.46 12.32 -8.22
CB PYR D . 9.85 11.10 -10.26
NA NA E . -8.86 -9.74 13.30
C PYR F . -9.87 -12.40 11.77
O PYR F . -10.29 -13.62 11.61
OXT PYR F . -9.79 -11.93 12.98
CA PYR F . -9.54 -11.57 10.68
O3 PYR F . -8.98 -10.42 10.90
CB PYR F . -9.83 -11.98 9.27
C PYR G . 8.37 -8.32 20.40
O PYR G . 8.71 -9.03 21.44
OXT PYR G . 9.30 -7.93 19.57
CA PYR G . 7.03 -7.99 20.18
O3 PYR G . 6.61 -7.72 18.98
CB PYR G . 6.07 -7.93 21.33
#